data_8J6P
#
_entry.id   8J6P
#
_cell.length_a   1.00
_cell.length_b   1.00
_cell.length_c   1.00
_cell.angle_alpha   90.00
_cell.angle_beta   90.00
_cell.angle_gamma   90.00
#
_symmetry.space_group_name_H-M   'P 1'
#
loop_
_entity.id
_entity.type
_entity.pdbx_description
1 polymer 'Guanine nucleotide-binding protein G(i) subunit alpha-1'
2 polymer 'Guanine nucleotide-binding protein G(I)/G(S)/G(T) subunit beta-1'
3 polymer 'Guanine nucleotide-binding protein G(I)/G(S)/G(O) subunit gamma-2'
4 polymer 'single Fab chain (scFv16)'
5 polymer 'Hydroxycarboxylic acid receptor 2'
6 non-polymer 7-methyl-N-[(2R)-1-phenoxypropan-2-yl]-3-(4-propan-2-ylphenyl)pyrazolo[1,5-a]pyrimidine-6-carboxamide
7 non-polymer CHOLESTEROL
8 non-polymer 'NICOTINIC ACID'
9 non-polymer 2-acetamido-2-deoxy-beta-D-glucopyranose
10 water water
#
loop_
_entity_poly.entity_id
_entity_poly.type
_entity_poly.pdbx_seq_one_letter_code
_entity_poly.pdbx_strand_id
1 'polypeptide(L)'
;CTLSAEDKAAVERSKMIDRNLREDGEKAAREVKLLLLGAGESGKNTIVKQMKIIHEAGYSEEECKQYKAVVYSNTIQSII
AIIRAMGRLKIDFGDSARADDARQLFVLAGAAEEGFMTAELAGVIKRLWKDSGVQACFNRSREYQLNDSAAYYLNDLDRI
AQPNYIPTQQDVLRTRVKTTGIVETHFTFKDLHFKMFDVGAQRSERKKWIHCFEGVTAIIFCVALSDYDLVLAEDEEMNR
MHASMKLFDSICNNKWFTDTSIILFLNKKDLFEEKIKKSPLTICYPEYAGSNTYEEAAAYIQCQFEDLNKRKDTKEIYTH
FTCSTDTKNVQFVFDAVTDVIIKNNLKDCGLF
;
A
2 'polypeptide(L)'
;SELDQLRQEAEQLKNQIRDARKACADATLSQITNNIDPVGRIQMRTRRTLRGHLAKIYAMHWGTDSRLLVSASQDGKLII
WDSYTTNKVHAIPLRSSWVMTCAYAPSGNYVACGGLDNICSIYNLKTREGNVRVSRELAGHTGYLSCCRFLDDNQIVTSS
GDTTCALWDIETGQQTTTFTGHTGDVMSLSLAPDTRLFVSGACDASAKLWDVREGMCRQTFTGHESDINAICFFPNGNAF
ATGSDDATCRLFDLRADQELMTYSHDNIICGITSVSFSKSGRLLLAGYDDFNCNVWDALKADRAGVLAGHDNRVSCLGVT
DDGMAVATGSWDSFLKIWN
;
B
3 'polypeptide(L)' NTASIAQARKLVEQLKMEANIDRIKVSKAAADLMAYCEAHAKEDPLLTPVPASENPFR G
4 'polypeptide(L)'
;DVQLVESGGGLVQPGGSRKLSCSASGFAFSSFGMHWVRQAPEKGLEWVAYISSGSGTIYYADTVKGRFTISRDDPKNTLF
LQMTSLRSEDTAMYYCVRSIYYYGSSPFDFWGQGTTLTVSSGGGGSGGGGSGGGGSDIVMTQATSSVPVTPGESVSISCR
SSKSLLHSNGNTYLYWFLQRPGQSPQLLIYRMSNLASGVPDRFSGSGSGTAFTLTISRLEAEDVGVYYCMQHLEYPLTFG
AGTKLELKGS
;
S
5 'polypeptide(L)'
;DHFLEIDKKNCCVFRDDFIVKVLPPVLGLEFIFGLLGNGLALWIFCFHLKSWKSSRIFLFNLAVADFLLIICLPFLMDNY
VRRWDWKFGDIPCRLMLFMLAMNRQGSIIFLTVVAVDRYFRVVHPHHALNKISNRTAAIISCLLWGITIGLTVHLLKKKM
PIQNGGANLCSSFSICHTFQWHEAMFLLEFFLPLGIILFCSARIIWSLRQRQMDRHAKIKRAITFIMVVAIVFVICFLPS
VVVRIRIFWLLHTSGTQNCEVYRSVDLAFFITLSFTYMNSMLDPVVYYFSSPSFN
;
R
#
# COMPACT_ATOMS: atom_id res chain seq x y z
N CYS A 1 -13.39 18.38 14.88
CA CYS A 1 -13.87 19.53 14.12
C CYS A 1 -14.97 19.13 13.15
N THR A 2 -16.20 19.58 13.46
CA THR A 2 -17.40 19.28 12.68
C THR A 2 -17.61 17.77 12.52
N LEU A 3 -17.31 17.02 13.58
CA LEU A 3 -17.51 15.58 13.60
C LEU A 3 -18.36 15.20 14.79
N SER A 4 -19.20 14.19 14.62
CA SER A 4 -19.99 13.65 15.71
C SER A 4 -19.14 12.74 16.57
N ALA A 5 -19.73 12.23 17.66
CA ALA A 5 -19.03 11.27 18.51
C ALA A 5 -18.76 9.98 17.77
N GLU A 6 -19.75 9.49 17.01
CA GLU A 6 -19.57 8.27 16.24
C GLU A 6 -18.60 8.47 15.09
N ASP A 7 -18.59 9.66 14.48
CA ASP A 7 -17.60 9.96 13.44
C ASP A 7 -16.19 9.96 14.00
N LYS A 8 -15.99 10.56 15.18
CA LYS A 8 -14.67 10.57 15.80
C LYS A 8 -14.23 9.18 16.20
N ALA A 9 -15.16 8.36 16.70
CA ALA A 9 -14.80 6.98 17.07
C ALA A 9 -14.51 6.13 15.84
N ALA A 10 -15.21 6.36 14.72
CA ALA A 10 -14.89 5.66 13.48
C ALA A 10 -13.53 6.10 12.95
N VAL A 11 -13.19 7.38 13.09
CA VAL A 11 -11.86 7.85 12.70
C VAL A 11 -10.79 7.20 13.56
N GLU A 12 -11.06 7.05 14.87
CA GLU A 12 -10.12 6.36 15.75
C GLU A 12 -9.95 4.89 15.37
N ARG A 13 -11.05 4.22 15.00
CA ARG A 13 -10.97 2.85 14.52
C ARG A 13 -10.15 2.75 13.24
N SER A 14 -10.34 3.71 12.33
CA SER A 14 -9.56 3.74 11.10
C SER A 14 -8.08 3.96 11.39
N LYS A 15 -7.76 4.78 12.38
CA LYS A 15 -6.35 5.00 12.74
C LYS A 15 -5.74 3.75 13.36
N MET A 16 -6.51 3.02 14.18
CA MET A 16 -6.03 1.74 14.70
C MET A 16 -5.78 0.73 13.58
N ILE A 17 -6.69 0.69 12.59
CA ILE A 17 -6.53 -0.19 11.45
C ILE A 17 -5.29 0.20 10.64
N ASP A 18 -5.06 1.51 10.49
CA ASP A 18 -3.84 2.00 9.83
C ASP A 18 -2.59 1.58 10.60
N ARG A 19 -2.65 1.62 11.93
CA ARG A 19 -1.50 1.21 12.75
C ARG A 19 -1.20 -0.27 12.56
N ASN A 20 -2.23 -1.12 12.59
CA ASN A 20 -2.01 -2.55 12.38
C ASN A 20 -1.54 -2.85 10.97
N LEU A 21 -2.02 -2.09 9.98
CA LEU A 21 -1.55 -2.25 8.61
C LEU A 21 -0.07 -1.87 8.50
N ARG A 22 0.34 -0.80 9.17
CA ARG A 22 1.76 -0.42 9.17
C ARG A 22 2.63 -1.47 9.84
N GLU A 23 2.17 -2.05 10.96
CA GLU A 23 2.93 -3.11 11.61
C GLU A 23 3.04 -4.34 10.72
N ASP A 24 1.95 -4.71 10.05
CA ASP A 24 1.99 -5.87 9.15
C ASP A 24 2.89 -5.62 7.95
N GLY A 25 2.88 -4.39 7.42
CA GLY A 25 3.76 -4.07 6.31
C GLY A 25 5.23 -4.06 6.70
N GLU A 26 5.53 -3.57 7.90
CA GLU A 26 6.91 -3.61 8.38
C GLU A 26 7.36 -5.03 8.68
N LYS A 27 6.44 -5.89 9.14
CA LYS A 27 6.78 -7.30 9.32
C LYS A 27 7.03 -7.98 7.98
N ALA A 28 6.22 -7.68 6.98
CA ALA A 28 6.36 -8.30 5.67
C ALA A 28 7.52 -7.73 4.87
N ALA A 29 8.00 -6.53 5.21
CA ALA A 29 9.12 -5.94 4.48
C ALA A 29 10.45 -6.61 4.83
N ARG A 30 10.57 -7.15 6.04
CA ARG A 30 11.78 -7.84 6.45
C ARG A 30 11.84 -9.29 5.97
N GLU A 31 10.75 -9.80 5.39
CA GLU A 31 10.71 -11.15 4.88
C GLU A 31 11.28 -11.20 3.47
N VAL A 32 11.82 -12.36 3.11
CA VAL A 32 12.43 -12.58 1.81
C VAL A 32 11.47 -13.39 0.96
N LYS A 33 11.06 -12.83 -0.18
CA LYS A 33 10.12 -13.49 -1.08
C LYS A 33 10.91 -14.20 -2.18
N LEU A 34 10.69 -15.50 -2.30
CA LEU A 34 11.35 -16.32 -3.29
C LEU A 34 10.33 -17.05 -4.15
N LEU A 35 10.51 -17.00 -5.46
CA LEU A 35 9.64 -17.69 -6.40
C LEU A 35 10.32 -19.00 -6.81
N LEU A 36 9.66 -20.12 -6.55
CA LEU A 36 10.20 -21.44 -6.86
C LEU A 36 9.64 -21.89 -8.20
N LEU A 37 10.54 -22.20 -9.13
CA LEU A 37 10.17 -22.56 -10.49
C LEU A 37 10.94 -23.78 -10.95
N GLY A 38 10.41 -24.45 -11.95
CA GLY A 38 11.02 -25.62 -12.52
C GLY A 38 10.08 -26.31 -13.49
N ALA A 39 10.66 -27.14 -14.35
CA ALA A 39 9.90 -27.84 -15.38
C ALA A 39 9.36 -29.14 -14.80
N GLY A 40 8.12 -29.10 -14.31
CA GLY A 40 7.50 -30.28 -13.75
C GLY A 40 8.10 -30.66 -12.41
N GLU A 41 7.83 -31.89 -11.99
CA GLU A 41 8.36 -32.43 -10.74
C GLU A 41 9.76 -32.97 -11.03
N SER A 42 10.75 -32.08 -10.97
CA SER A 42 12.13 -32.44 -11.26
C SER A 42 12.99 -32.42 -10.00
N GLY A 43 13.03 -31.30 -9.28
CA GLY A 43 13.77 -31.23 -8.04
C GLY A 43 13.19 -30.30 -7.01
N LYS A 44 11.94 -29.86 -7.23
CA LYS A 44 11.32 -28.89 -6.31
C LYS A 44 11.11 -29.50 -4.93
N ASN A 45 10.63 -30.75 -4.87
CA ASN A 45 10.25 -31.33 -3.59
C ASN A 45 11.46 -31.58 -2.69
N THR A 46 12.56 -32.09 -3.25
CA THR A 46 13.76 -32.32 -2.46
C THR A 46 14.33 -31.02 -1.92
N ILE A 47 14.31 -29.97 -2.73
CA ILE A 47 14.75 -28.64 -2.31
C ILE A 47 13.86 -28.11 -1.18
N VAL A 48 12.55 -28.33 -1.30
CA VAL A 48 11.59 -27.84 -0.30
C VAL A 48 11.83 -28.53 1.04
N LYS A 49 11.99 -29.86 1.03
CA LYS A 49 12.29 -30.55 2.28
C LYS A 49 13.71 -30.27 2.77
N GLN A 50 14.60 -29.81 1.89
CA GLN A 50 15.93 -29.44 2.34
C GLN A 50 15.90 -28.14 3.14
N MET A 51 15.13 -27.14 2.70
CA MET A 51 14.93 -26.03 3.63
C MET A 51 13.93 -26.37 4.73
N LYS A 52 12.84 -27.02 4.38
CA LYS A 52 11.77 -27.28 5.34
C LYS A 52 11.41 -28.76 5.41
N THR A 180 -5.59 -27.14 -4.87
CA THR A 180 -4.15 -26.91 -4.73
C THR A 180 -3.68 -25.80 -5.67
N GLY A 181 -3.44 -24.61 -5.12
CA GLY A 181 -3.00 -23.48 -5.90
C GLY A 181 -1.54 -23.17 -5.71
N ILE A 182 -1.25 -22.14 -4.93
CA ILE A 182 0.12 -21.75 -4.63
C ILE A 182 0.50 -22.34 -3.27
N VAL A 183 1.74 -22.82 -3.17
CA VAL A 183 2.22 -23.47 -1.95
C VAL A 183 3.14 -22.50 -1.23
N GLU A 184 2.88 -22.28 0.05
CA GLU A 184 3.67 -21.40 0.90
C GLU A 184 4.64 -22.23 1.73
N THR A 185 5.93 -21.91 1.60
CA THR A 185 6.97 -22.57 2.38
C THR A 185 7.69 -21.51 3.22
N HIS A 186 7.65 -21.67 4.53
CA HIS A 186 8.22 -20.71 5.46
C HIS A 186 9.39 -21.36 6.18
N PHE A 187 10.55 -20.71 6.14
CA PHE A 187 11.70 -21.17 6.90
C PHE A 187 12.55 -19.99 7.29
N THR A 188 13.23 -20.12 8.43
CA THR A 188 14.09 -19.08 8.98
C THR A 188 15.53 -19.58 9.00
N PHE A 189 16.44 -18.77 8.48
CA PHE A 189 17.86 -19.12 8.46
C PHE A 189 18.66 -17.87 8.81
N LYS A 190 19.46 -17.97 9.89
CA LYS A 190 20.31 -16.88 10.38
C LYS A 190 19.51 -15.62 10.65
N ASP A 191 18.43 -15.78 11.43
CA ASP A 191 17.52 -14.70 11.85
C ASP A 191 16.91 -13.96 10.67
N LEU A 192 16.66 -14.68 9.58
CA LEU A 192 16.06 -14.11 8.38
C LEU A 192 14.91 -15.02 7.95
N HIS A 193 13.71 -14.48 7.91
CA HIS A 193 12.54 -15.24 7.51
C HIS A 193 12.40 -15.24 5.99
N PHE A 194 12.08 -16.41 5.44
CA PHE A 194 11.98 -16.61 4.01
C PHE A 194 10.56 -17.03 3.64
N LYS A 195 10.01 -16.40 2.62
CA LYS A 195 8.73 -16.79 2.04
C LYS A 195 8.99 -17.33 0.64
N MET A 196 8.91 -18.64 0.49
CA MET A 196 9.18 -19.28 -0.80
C MET A 196 7.88 -19.82 -1.35
N PHE A 197 7.52 -19.37 -2.56
CA PHE A 197 6.24 -19.68 -3.17
C PHE A 197 6.44 -20.66 -4.32
N ASP A 198 5.69 -21.76 -4.28
CA ASP A 198 5.71 -22.76 -5.33
C ASP A 198 4.47 -22.59 -6.20
N VAL A 199 4.67 -22.34 -7.49
CA VAL A 199 3.58 -22.11 -8.43
C VAL A 199 3.34 -23.37 -9.25
N GLY A 200 3.74 -24.52 -8.72
CA GLY A 200 3.42 -25.78 -9.37
C GLY A 200 1.94 -26.06 -9.37
N ALA A 201 1.53 -26.87 -10.36
CA ALA A 201 0.13 -27.23 -10.64
C ALA A 201 -0.75 -26.02 -10.93
N GLN A 202 -0.14 -24.90 -11.34
CA GLN A 202 -0.88 -23.75 -11.85
C GLN A 202 -0.78 -23.80 -13.38
N ARG A 203 -1.56 -24.70 -13.97
CA ARG A 203 -1.49 -24.97 -15.40
C ARG A 203 -2.39 -23.98 -16.13
N SER A 204 -1.83 -22.80 -16.41
CA SER A 204 -2.52 -21.74 -17.12
C SER A 204 -1.48 -20.91 -17.87
N GLU A 205 -1.91 -19.78 -18.42
CA GLU A 205 -0.97 -18.85 -19.01
C GLU A 205 -0.18 -18.17 -17.91
N ARG A 206 1.15 -18.26 -17.98
CA ARG A 206 2.00 -17.70 -16.94
C ARG A 206 1.96 -16.18 -16.92
N LYS A 207 1.85 -15.55 -18.09
CA LYS A 207 1.94 -14.10 -18.20
C LYS A 207 0.77 -13.37 -17.54
N LYS A 208 -0.31 -14.07 -17.21
CA LYS A 208 -1.44 -13.44 -16.55
C LYS A 208 -1.30 -13.36 -15.04
N TRP A 209 -0.34 -14.06 -14.46
CA TRP A 209 -0.11 -14.00 -13.02
C TRP A 209 1.35 -13.88 -12.63
N ILE A 210 2.28 -13.88 -13.58
CA ILE A 210 3.70 -13.77 -13.25
C ILE A 210 4.09 -12.35 -12.84
N HIS A 211 3.25 -11.35 -13.10
CA HIS A 211 3.50 -10.00 -12.61
C HIS A 211 3.17 -9.85 -11.13
N CYS A 212 2.51 -10.85 -10.53
CA CYS A 212 2.28 -10.83 -9.09
C CYS A 212 3.58 -10.99 -8.32
N PHE A 213 4.56 -11.68 -8.90
CA PHE A 213 5.85 -11.94 -8.27
C PHE A 213 6.93 -10.98 -8.77
N GLU A 214 6.55 -9.77 -9.18
CA GLU A 214 7.52 -8.81 -9.69
C GLU A 214 8.46 -8.32 -8.59
N GLY A 215 7.95 -8.23 -7.35
CA GLY A 215 8.75 -7.69 -6.26
C GLY A 215 9.43 -8.71 -5.39
N VAL A 216 9.59 -9.95 -5.89
CA VAL A 216 10.28 -10.96 -5.10
C VAL A 216 11.77 -10.67 -5.03
N THR A 217 12.41 -11.17 -3.98
CA THR A 217 13.84 -10.94 -3.80
C THR A 217 14.65 -11.70 -4.84
N ALA A 218 14.35 -12.98 -5.05
CA ALA A 218 15.09 -13.78 -6.03
C ALA A 218 14.19 -14.90 -6.50
N ILE A 219 14.57 -15.51 -7.63
CA ILE A 219 13.86 -16.64 -8.21
C ILE A 219 14.73 -17.87 -8.02
N ILE A 220 14.19 -18.88 -7.36
CA ILE A 220 14.87 -20.16 -7.19
C ILE A 220 14.39 -21.08 -8.29
N PHE A 221 15.27 -21.38 -9.24
CA PHE A 221 14.93 -22.20 -10.40
C PHE A 221 15.57 -23.57 -10.22
N CYS A 222 14.74 -24.61 -10.14
CA CYS A 222 15.20 -25.97 -9.91
C CYS A 222 15.20 -26.74 -11.22
N VAL A 223 16.36 -27.27 -11.59
CA VAL A 223 16.54 -28.03 -12.81
C VAL A 223 17.17 -29.38 -12.48
N ALA A 224 16.52 -30.46 -12.90
CA ALA A 224 17.13 -31.77 -12.76
C ALA A 224 18.25 -31.92 -13.77
N LEU A 225 19.37 -32.53 -13.35
CA LEU A 225 20.45 -32.80 -14.27
C LEU A 225 20.29 -34.16 -14.96
N SER A 226 19.43 -35.03 -14.44
CA SER A 226 19.34 -36.39 -14.95
C SER A 226 18.34 -36.54 -16.09
N ASP A 227 17.55 -35.51 -16.38
CA ASP A 227 16.53 -35.60 -17.42
C ASP A 227 17.01 -35.07 -18.77
N TYR A 228 18.32 -35.10 -19.01
CA TYR A 228 18.83 -34.64 -20.31
C TYR A 228 18.49 -35.62 -21.42
N ASP A 229 18.33 -36.91 -21.10
CA ASP A 229 17.97 -37.91 -22.09
C ASP A 229 16.52 -38.37 -21.97
N LEU A 230 15.83 -38.06 -20.88
CA LEU A 230 14.43 -38.42 -20.75
C LEU A 230 13.57 -37.55 -21.66
N VAL A 231 12.38 -38.04 -21.95
CA VAL A 231 11.40 -37.33 -22.75
C VAL A 231 10.30 -36.80 -21.84
N LEU A 232 9.70 -35.68 -22.24
CA LEU A 232 8.65 -35.05 -21.44
C LEU A 232 7.36 -35.87 -21.48
N ALA A 233 7.14 -36.63 -22.55
CA ALA A 233 6.00 -37.49 -22.85
C ALA A 233 4.71 -36.72 -23.10
N GLU A 234 4.73 -35.38 -23.02
CA GLU A 234 3.56 -34.60 -23.38
C GLU A 234 3.56 -34.24 -24.86
N ASP A 235 4.75 -34.03 -25.42
CA ASP A 235 4.93 -33.76 -26.85
C ASP A 235 5.86 -34.82 -27.43
N GLU A 236 5.62 -35.18 -28.69
CA GLU A 236 6.46 -36.16 -29.35
C GLU A 236 7.84 -35.57 -29.65
N GLU A 237 8.89 -36.36 -29.35
CA GLU A 237 10.29 -35.97 -29.52
C GLU A 237 10.61 -34.67 -28.77
N MET A 238 10.12 -34.57 -27.54
CA MET A 238 10.35 -33.42 -26.68
C MET A 238 11.27 -33.80 -25.54
N ASN A 239 12.30 -32.99 -25.31
CA ASN A 239 13.27 -33.25 -24.26
C ASN A 239 12.89 -32.45 -23.01
N ARG A 240 13.01 -33.10 -21.85
CA ARG A 240 12.79 -32.40 -20.58
C ARG A 240 13.83 -31.32 -20.37
N MET A 241 15.07 -31.59 -20.78
CA MET A 241 16.15 -30.61 -20.66
C MET A 241 15.86 -29.37 -21.47
N HIS A 242 15.41 -29.54 -22.72
CA HIS A 242 15.11 -28.40 -23.58
C HIS A 242 13.87 -27.66 -23.11
N ALA A 243 12.91 -28.37 -22.50
CA ALA A 243 11.78 -27.70 -21.86
C ALA A 243 12.24 -26.83 -20.70
N SER A 244 13.22 -27.33 -19.92
CA SER A 244 13.79 -26.52 -18.85
C SER A 244 14.53 -25.30 -19.40
N MET A 245 15.26 -25.47 -20.51
CA MET A 245 15.92 -24.34 -21.15
C MET A 245 14.92 -23.29 -21.64
N LYS A 246 13.81 -23.74 -22.23
CA LYS A 246 12.81 -22.79 -22.72
C LYS A 246 12.11 -22.07 -21.58
N LEU A 247 11.80 -22.79 -20.49
CA LEU A 247 11.20 -22.15 -19.32
C LEU A 247 12.16 -21.16 -18.68
N PHE A 248 13.45 -21.51 -18.61
CA PHE A 248 14.45 -20.59 -18.06
C PHE A 248 14.62 -19.36 -18.95
N ASP A 249 14.56 -19.56 -20.27
CA ASP A 249 14.66 -18.43 -21.20
C ASP A 249 13.46 -17.50 -21.06
N SER A 250 12.26 -18.06 -20.86
CA SER A 250 11.08 -17.24 -20.69
C SER A 250 11.09 -16.50 -19.35
N ILE A 251 11.53 -17.17 -18.28
CA ILE A 251 11.51 -16.57 -16.95
C ILE A 251 12.61 -15.53 -16.79
N CYS A 252 13.82 -15.86 -17.25
CA CYS A 252 14.98 -14.99 -17.05
C CYS A 252 14.86 -13.71 -17.84
N ASN A 253 14.42 -13.80 -19.10
CA ASN A 253 14.29 -12.63 -19.97
C ASN A 253 12.90 -12.03 -19.93
N ASN A 254 12.13 -12.32 -18.87
CA ASN A 254 10.80 -11.75 -18.73
C ASN A 254 10.90 -10.27 -18.38
N LYS A 255 9.86 -9.52 -18.76
CA LYS A 255 9.86 -8.08 -18.53
C LYS A 255 9.72 -7.75 -17.04
N TRP A 256 9.13 -8.64 -16.26
CA TRP A 256 8.94 -8.40 -14.83
C TRP A 256 10.15 -8.81 -14.00
N PHE A 257 11.10 -9.54 -14.58
CA PHE A 257 12.27 -10.02 -13.86
C PHE A 257 13.55 -9.49 -14.51
N THR A 258 13.54 -8.21 -14.86
CA THR A 258 14.74 -7.61 -15.47
C THR A 258 15.87 -7.49 -14.46
N ASP A 259 15.56 -7.07 -13.24
CA ASP A 259 16.56 -6.88 -12.19
C ASP A 259 16.40 -7.88 -11.05
N THR A 260 15.71 -8.99 -11.28
CA THR A 260 15.51 -10.02 -10.27
C THR A 260 16.50 -11.14 -10.51
N SER A 261 17.35 -11.40 -9.52
CA SER A 261 18.38 -12.42 -9.65
C SER A 261 17.76 -13.82 -9.57
N ILE A 262 18.45 -14.78 -10.18
CA ILE A 262 17.97 -16.15 -10.28
C ILE A 262 18.97 -17.06 -9.56
N ILE A 263 18.49 -17.81 -8.59
CA ILE A 263 19.28 -18.83 -7.90
C ILE A 263 18.98 -20.15 -8.59
N LEU A 264 19.78 -20.50 -9.59
CA LEU A 264 19.56 -21.72 -10.36
C LEU A 264 20.13 -22.90 -9.60
N PHE A 265 19.30 -23.92 -9.37
CA PHE A 265 19.72 -25.14 -8.71
C PHE A 265 19.73 -26.27 -9.72
N LEU A 266 20.85 -26.97 -9.84
CA LEU A 266 20.99 -28.10 -10.75
C LEU A 266 20.84 -29.38 -9.94
N ASN A 267 19.62 -29.90 -9.90
CA ASN A 267 19.27 -31.02 -9.04
C ASN A 267 19.87 -32.33 -9.55
N LYS A 268 20.04 -33.27 -8.63
CA LYS A 268 20.38 -34.68 -8.92
C LYS A 268 21.72 -34.78 -9.65
N LYS A 269 22.78 -34.31 -8.99
CA LYS A 269 24.11 -34.39 -9.59
C LYS A 269 24.71 -35.79 -9.50
N ASP A 270 24.39 -36.55 -8.46
CA ASP A 270 24.95 -37.90 -8.34
C ASP A 270 24.32 -38.87 -9.31
N LEU A 271 22.99 -38.79 -9.49
CA LEU A 271 22.30 -39.61 -10.47
C LEU A 271 22.80 -39.31 -11.87
N PHE A 272 22.97 -38.02 -12.19
CA PHE A 272 23.50 -37.61 -13.49
C PHE A 272 24.93 -38.09 -13.68
N GLU A 273 25.74 -38.04 -12.62
CA GLU A 273 27.12 -38.52 -12.68
C GLU A 273 27.17 -40.03 -12.95
N GLU A 274 26.31 -40.80 -12.29
CA GLU A 274 26.36 -42.24 -12.50
C GLU A 274 25.69 -42.68 -13.79
N LYS A 275 24.80 -41.86 -14.38
CA LYS A 275 24.16 -42.28 -15.62
C LYS A 275 24.79 -41.67 -16.86
N ILE A 276 25.70 -40.69 -16.72
CA ILE A 276 26.32 -40.11 -17.89
C ILE A 276 27.27 -41.11 -18.57
N LYS A 277 27.78 -42.09 -17.82
CA LYS A 277 28.60 -43.14 -18.42
C LYS A 277 27.78 -44.02 -19.34
N LYS A 278 26.54 -44.33 -18.95
CA LYS A 278 25.69 -45.18 -19.79
C LYS A 278 25.15 -44.41 -20.99
N SER A 279 24.73 -43.17 -20.78
CA SER A 279 24.11 -42.36 -21.84
C SER A 279 24.90 -41.08 -22.03
N PRO A 280 25.41 -40.81 -23.23
CA PRO A 280 26.16 -39.57 -23.46
C PRO A 280 25.23 -38.36 -23.52
N LEU A 281 25.83 -37.19 -23.28
CA LEU A 281 25.08 -35.94 -23.34
C LEU A 281 24.86 -35.47 -24.78
N THR A 282 25.57 -36.04 -25.75
CA THR A 282 25.42 -35.65 -27.14
C THR A 282 24.04 -35.96 -27.71
N ILE A 283 23.30 -36.87 -27.07
CA ILE A 283 21.91 -37.11 -27.48
C ILE A 283 21.03 -35.93 -27.09
N CYS A 284 21.46 -35.14 -26.10
CA CYS A 284 20.75 -33.95 -25.69
C CYS A 284 21.26 -32.70 -26.41
N TYR A 285 22.55 -32.45 -26.35
CA TYR A 285 23.17 -31.32 -27.04
C TYR A 285 24.01 -31.86 -28.20
N PRO A 286 23.53 -31.77 -29.44
CA PRO A 286 24.31 -32.30 -30.57
C PRO A 286 25.63 -31.58 -30.81
N GLU A 287 25.72 -30.30 -30.44
CA GLU A 287 26.94 -29.53 -30.65
C GLU A 287 27.98 -29.74 -29.55
N TYR A 288 27.65 -30.51 -28.51
CA TYR A 288 28.61 -30.77 -27.44
C TYR A 288 29.68 -31.75 -27.92
N ALA A 289 30.94 -31.38 -27.72
CA ALA A 289 32.06 -32.19 -28.16
C ALA A 289 33.06 -32.49 -27.05
N GLY A 290 32.71 -32.20 -25.79
CA GLY A 290 33.59 -32.47 -24.69
C GLY A 290 33.57 -33.92 -24.25
N SER A 291 34.38 -34.21 -23.25
CA SER A 291 34.48 -35.57 -22.72
C SER A 291 33.23 -35.93 -21.92
N ASN A 292 32.98 -37.22 -21.79
CA ASN A 292 31.82 -37.73 -21.06
C ASN A 292 32.16 -37.89 -19.58
N THR A 293 32.55 -36.79 -18.96
CA THR A 293 32.83 -36.73 -17.54
C THR A 293 31.78 -35.85 -16.85
N TYR A 294 31.70 -36.00 -15.53
CA TYR A 294 30.69 -35.24 -14.77
C TYR A 294 31.01 -33.76 -14.75
N GLU A 295 32.27 -33.41 -14.50
CA GLU A 295 32.64 -32.01 -14.28
C GLU A 295 32.50 -31.18 -15.55
N GLU A 296 33.06 -31.68 -16.66
CA GLU A 296 33.03 -30.91 -17.91
C GLU A 296 31.62 -30.76 -18.46
N ALA A 297 30.84 -31.85 -18.44
CA ALA A 297 29.48 -31.79 -18.94
C ALA A 297 28.57 -30.98 -18.02
N ALA A 298 28.79 -31.06 -16.70
CA ALA A 298 28.03 -30.24 -15.77
C ALA A 298 28.33 -28.76 -15.97
N ALA A 299 29.60 -28.41 -16.18
CA ALA A 299 29.96 -27.02 -16.47
C ALA A 299 29.38 -26.58 -17.81
N TYR A 300 29.32 -27.49 -18.78
CA TYR A 300 28.71 -27.16 -20.07
C TYR A 300 27.21 -26.89 -19.92
N ILE A 301 26.52 -27.69 -19.11
CA ILE A 301 25.09 -27.49 -18.88
C ILE A 301 24.86 -26.16 -18.15
N GLN A 302 25.70 -25.86 -17.16
CA GLN A 302 25.60 -24.58 -16.45
C GLN A 302 25.84 -23.41 -17.38
N CYS A 303 26.82 -23.54 -18.28
CA CYS A 303 27.09 -22.48 -19.25
C CYS A 303 25.95 -22.31 -20.24
N GLN A 304 25.34 -23.42 -20.67
CA GLN A 304 24.19 -23.34 -21.57
C GLN A 304 23.00 -22.68 -20.89
N PHE A 305 22.80 -22.92 -19.60
CA PHE A 305 21.71 -22.25 -18.89
C PHE A 305 22.02 -20.77 -18.66
N GLU A 306 23.28 -20.44 -18.37
CA GLU A 306 23.64 -19.04 -18.17
C GLU A 306 23.69 -18.25 -19.48
N ASP A 307 23.81 -18.93 -20.62
CA ASP A 307 23.79 -18.25 -21.90
C ASP A 307 22.40 -17.73 -22.26
N LEU A 308 21.35 -18.27 -21.64
CA LEU A 308 20.00 -17.79 -21.89
C LEU A 308 19.72 -16.42 -21.28
N ASN A 309 20.61 -15.92 -20.44
CA ASN A 309 20.45 -14.61 -19.83
C ASN A 309 20.90 -13.55 -20.82
N LYS A 310 19.95 -12.80 -21.38
CA LYS A 310 20.25 -11.68 -22.25
C LYS A 310 20.37 -10.37 -21.49
N ARG A 311 20.26 -10.40 -20.17
CA ARG A 311 20.32 -9.20 -19.35
C ARG A 311 21.45 -9.31 -18.34
N LYS A 312 22.64 -9.72 -18.80
CA LYS A 312 23.78 -9.93 -17.92
C LYS A 312 24.27 -8.65 -17.26
N ASP A 313 23.97 -7.49 -17.84
CA ASP A 313 24.43 -6.23 -17.27
C ASP A 313 23.56 -5.74 -16.12
N THR A 314 22.43 -6.38 -15.85
CA THR A 314 21.51 -5.90 -14.83
C THR A 314 20.98 -6.99 -13.91
N LYS A 315 21.36 -8.25 -14.09
CA LYS A 315 20.95 -9.31 -13.18
C LYS A 315 22.05 -10.35 -13.09
N GLU A 316 22.01 -11.12 -12.01
CA GLU A 316 23.03 -12.12 -11.70
C GLU A 316 22.37 -13.48 -11.55
N ILE A 317 23.00 -14.51 -12.09
CA ILE A 317 22.51 -15.89 -11.99
C ILE A 317 23.46 -16.66 -11.09
N TYR A 318 22.93 -17.24 -10.02
CA TYR A 318 23.71 -18.05 -9.10
C TYR A 318 23.39 -19.52 -9.37
N THR A 319 24.43 -20.30 -9.63
CA THR A 319 24.28 -21.71 -9.99
C THR A 319 24.89 -22.57 -8.90
N HIS A 320 24.15 -23.57 -8.45
CA HIS A 320 24.61 -24.47 -7.43
C HIS A 320 24.28 -25.89 -7.87
N PHE A 321 25.15 -26.83 -7.57
CA PHE A 321 24.87 -28.21 -7.93
C PHE A 321 24.47 -28.90 -6.64
N THR A 322 23.25 -29.43 -6.62
CA THR A 322 22.74 -30.06 -5.42
C THR A 322 22.38 -31.53 -5.60
N CYS A 323 22.85 -32.33 -4.65
CA CYS A 323 22.57 -33.77 -4.60
C CYS A 323 21.23 -34.00 -3.93
N SER A 324 20.81 -35.26 -3.87
CA SER A 324 19.52 -35.60 -3.25
C SER A 324 19.49 -35.20 -1.77
N THR A 325 20.60 -35.39 -1.06
CA THR A 325 20.69 -35.02 0.34
C THR A 325 21.91 -34.12 0.55
N ASP A 326 21.75 -32.85 0.19
CA ASP A 326 22.84 -31.88 0.33
C ASP A 326 22.47 -30.83 1.39
N THR A 327 23.28 -30.76 2.43
CA THR A 327 23.08 -29.84 3.56
C THR A 327 23.20 -28.33 3.31
N LYS A 328 24.20 -27.92 2.53
CA LYS A 328 24.46 -26.51 2.27
C LYS A 328 23.55 -25.71 1.33
N ASN A 329 22.43 -26.28 0.90
CA ASN A 329 21.56 -25.56 -0.01
C ASN A 329 21.02 -24.26 0.56
N VAL A 330 20.63 -24.25 1.84
CA VAL A 330 20.11 -23.03 2.46
C VAL A 330 21.14 -21.91 2.52
N GLN A 331 22.37 -22.25 2.86
CA GLN A 331 23.46 -21.28 2.91
C GLN A 331 23.68 -20.61 1.56
N PHE A 332 23.58 -21.37 0.46
CA PHE A 332 23.71 -20.79 -0.87
C PHE A 332 22.57 -19.81 -1.16
N VAL A 333 21.35 -20.17 -0.78
CA VAL A 333 20.21 -19.28 -0.94
C VAL A 333 20.39 -18.02 -0.10
N PHE A 334 20.89 -18.18 1.13
CA PHE A 334 21.13 -17.04 2.01
C PHE A 334 22.19 -16.11 1.43
N ASP A 335 23.26 -16.67 0.86
CA ASP A 335 24.32 -15.85 0.26
C ASP A 335 23.80 -15.08 -0.96
N ALA A 336 23.03 -15.74 -1.82
CA ALA A 336 22.48 -15.06 -2.99
C ALA A 336 21.49 -13.97 -2.59
N VAL A 337 20.63 -14.26 -1.60
CA VAL A 337 19.67 -13.28 -1.10
C VAL A 337 20.40 -12.11 -0.45
N THR A 338 21.51 -12.38 0.25
CA THR A 338 22.29 -11.31 0.86
C THR A 338 22.93 -10.42 -0.19
N ASP A 339 23.41 -11.00 -1.30
CA ASP A 339 23.95 -10.19 -2.39
C ASP A 339 22.85 -9.33 -3.02
N VAL A 340 21.66 -9.90 -3.20
CA VAL A 340 20.53 -9.13 -3.74
C VAL A 340 20.14 -8.00 -2.79
N ILE A 341 20.17 -8.28 -1.48
CA ILE A 341 19.80 -7.28 -0.48
C ILE A 341 20.85 -6.16 -0.43
N ILE A 342 22.13 -6.51 -0.61
CA ILE A 342 23.18 -5.49 -0.71
C ILE A 342 22.95 -4.61 -1.94
N LYS A 343 22.60 -5.22 -3.07
CA LYS A 343 22.31 -4.44 -4.27
C LYS A 343 21.10 -3.52 -4.08
N ASN A 344 20.06 -4.02 -3.41
CA ASN A 344 18.88 -3.20 -3.14
C ASN A 344 19.21 -2.06 -2.16
N ASN A 345 20.07 -2.35 -1.18
CA ASN A 345 20.50 -1.33 -0.24
C ASN A 345 21.30 -0.24 -0.92
N LEU A 346 22.21 -0.62 -1.82
CA LEU A 346 22.96 0.38 -2.59
C LEU A 346 22.05 1.13 -3.56
N LYS A 347 21.00 0.48 -4.04
CA LYS A 347 20.00 1.18 -4.84
C LYS A 347 19.27 2.23 -4.01
N ASP A 348 18.98 1.93 -2.74
CA ASP A 348 18.30 2.88 -1.88
C ASP A 348 19.18 4.07 -1.53
N CYS A 349 20.49 3.87 -1.41
CA CYS A 349 21.40 4.94 -1.05
C CYS A 349 22.00 5.64 -2.26
N GLY A 350 21.61 5.27 -3.47
CA GLY A 350 22.08 5.92 -4.67
C GLY A 350 23.40 5.43 -5.22
N LEU A 351 23.95 4.35 -4.66
CA LEU A 351 25.22 3.80 -5.13
C LEU A 351 25.06 2.73 -6.18
N PHE A 352 23.83 2.43 -6.61
CA PHE A 352 23.58 1.35 -7.56
C PHE A 352 22.68 1.83 -8.69
N SER B 1 -13.61 -40.35 -42.34
CA SER B 1 -13.28 -39.74 -41.06
C SER B 1 -14.40 -38.82 -40.59
N GLU B 2 -14.96 -39.12 -39.41
CA GLU B 2 -16.01 -38.28 -38.85
C GLU B 2 -15.46 -36.96 -38.31
N LEU B 3 -14.20 -36.98 -37.86
CA LEU B 3 -13.61 -35.76 -37.29
C LEU B 3 -13.44 -34.67 -38.33
N ASP B 4 -12.96 -35.03 -39.52
CA ASP B 4 -12.80 -34.05 -40.59
C ASP B 4 -14.15 -33.53 -41.08
N GLN B 5 -15.16 -34.41 -41.13
CA GLN B 5 -16.50 -33.98 -41.50
C GLN B 5 -17.08 -33.02 -40.48
N LEU B 6 -16.85 -33.28 -39.18
CA LEU B 6 -17.35 -32.38 -38.15
C LEU B 6 -16.59 -31.06 -38.14
N ARG B 7 -15.28 -31.07 -38.44
CA ARG B 7 -14.55 -29.82 -38.60
C ARG B 7 -15.08 -29.01 -39.78
N GLN B 8 -15.39 -29.68 -40.89
CA GLN B 8 -15.97 -29.00 -42.04
C GLN B 8 -17.35 -28.42 -41.71
N GLU B 9 -18.15 -29.17 -40.94
CA GLU B 9 -19.46 -28.67 -40.54
C GLU B 9 -19.33 -27.49 -39.58
N ALA B 10 -18.35 -27.51 -38.69
CA ALA B 10 -18.10 -26.38 -37.79
C ALA B 10 -17.65 -25.15 -38.57
N GLU B 11 -16.80 -25.35 -39.59
CA GLU B 11 -16.38 -24.25 -40.44
C GLU B 11 -17.56 -23.68 -41.22
N GLN B 12 -18.45 -24.54 -41.71
CA GLN B 12 -19.65 -24.09 -42.41
C GLN B 12 -20.58 -23.32 -41.47
N LEU B 13 -20.72 -23.79 -40.23
CA LEU B 13 -21.54 -23.08 -39.26
C LEU B 13 -20.95 -21.73 -38.90
N LYS B 14 -19.63 -21.65 -38.76
CA LYS B 14 -18.98 -20.37 -38.48
C LYS B 14 -19.14 -19.41 -39.65
N ASN B 15 -19.03 -19.91 -40.88
CA ASN B 15 -19.27 -19.07 -42.05
C ASN B 15 -20.72 -18.60 -42.12
N GLN B 16 -21.66 -19.47 -41.74
CA GLN B 16 -23.08 -19.08 -41.70
C GLN B 16 -23.32 -18.00 -40.66
N ILE B 17 -22.68 -18.13 -39.48
CA ILE B 17 -22.80 -17.12 -38.44
C ILE B 17 -22.21 -15.78 -38.90
N ARG B 18 -21.04 -15.84 -39.54
CA ARG B 18 -20.40 -14.62 -40.05
C ARG B 18 -21.25 -13.97 -41.14
N ASP B 19 -21.85 -14.77 -42.03
CA ASP B 19 -22.70 -14.23 -43.08
C ASP B 19 -23.98 -13.63 -42.50
N ALA B 20 -24.54 -14.25 -41.46
CA ALA B 20 -25.73 -13.71 -40.82
C ALA B 20 -25.41 -12.41 -40.09
N ARG B 21 -24.21 -12.31 -39.51
CA ARG B 21 -23.79 -11.04 -38.91
C ARG B 21 -23.58 -9.97 -39.96
N LYS B 22 -22.97 -10.33 -41.10
CA LYS B 22 -22.67 -9.34 -42.14
C LYS B 22 -23.94 -8.86 -42.82
N ALA B 23 -24.89 -9.76 -43.08
CA ALA B 23 -26.12 -9.37 -43.76
C ALA B 23 -27.04 -8.56 -42.86
N CYS B 24 -26.91 -8.70 -41.54
CA CYS B 24 -27.75 -7.98 -40.59
C CYS B 24 -27.20 -6.61 -40.24
N ALA B 25 -25.96 -6.30 -40.64
CA ALA B 25 -25.35 -5.02 -40.35
C ALA B 25 -25.53 -4.09 -41.54
N ASP B 26 -26.23 -2.98 -41.33
CA ASP B 26 -26.50 -2.02 -42.39
C ASP B 26 -25.87 -0.66 -42.14
N ALA B 27 -26.03 -0.11 -40.93
CA ALA B 27 -25.44 1.17 -40.57
C ALA B 27 -24.85 1.07 -39.18
N THR B 28 -23.57 1.41 -39.06
CA THR B 28 -22.86 1.25 -37.81
C THR B 28 -23.30 2.32 -36.80
N LEU B 29 -22.78 2.19 -35.58
CA LEU B 29 -23.10 3.14 -34.52
C LEU B 29 -22.54 4.53 -34.83
N SER B 30 -21.38 4.59 -35.50
CA SER B 30 -20.81 5.88 -35.90
C SER B 30 -21.71 6.58 -36.91
N GLN B 31 -22.23 5.84 -37.89
CA GLN B 31 -23.01 6.45 -38.97
C GLN B 31 -24.34 7.03 -38.49
N ILE B 32 -24.84 6.60 -37.32
CA ILE B 32 -26.10 7.10 -36.80
C ILE B 32 -25.81 8.13 -35.70
N THR B 33 -24.68 7.96 -35.02
CA THR B 33 -24.37 8.77 -33.85
C THR B 33 -23.58 10.03 -34.21
N ASN B 34 -23.01 10.11 -35.43
CA ASN B 34 -22.21 11.27 -35.80
C ASN B 34 -23.03 12.55 -35.94
N ASN B 35 -24.36 12.48 -35.92
CA ASN B 35 -25.21 13.65 -36.08
C ASN B 35 -25.73 14.20 -34.76
N ILE B 36 -25.26 13.70 -33.62
CA ILE B 36 -25.67 14.25 -32.33
C ILE B 36 -24.46 14.93 -31.70
N ASP B 37 -24.74 15.73 -30.68
CA ASP B 37 -23.71 16.56 -30.07
C ASP B 37 -22.74 15.70 -29.25
N PRO B 38 -21.46 15.99 -29.30
CA PRO B 38 -20.49 15.25 -28.47
C PRO B 38 -20.59 15.66 -27.01
N VAL B 39 -19.91 14.90 -26.16
CA VAL B 39 -19.93 15.16 -24.72
C VAL B 39 -18.96 16.24 -24.29
N GLY B 40 -18.17 16.78 -25.22
CA GLY B 40 -17.18 17.77 -24.86
C GLY B 40 -15.98 17.15 -24.14
N ARG B 41 -15.33 17.96 -23.32
CA ARG B 41 -14.19 17.51 -22.54
C ARG B 41 -14.66 17.17 -21.13
N ILE B 42 -14.46 15.92 -20.72
CA ILE B 42 -14.86 15.45 -19.40
C ILE B 42 -13.64 15.49 -18.50
N GLN B 43 -13.62 16.44 -17.57
CA GLN B 43 -12.51 16.62 -16.64
C GLN B 43 -12.95 16.20 -15.25
N MET B 44 -12.20 15.27 -14.65
CA MET B 44 -12.46 14.78 -13.31
C MET B 44 -11.25 15.07 -12.42
N ARG B 45 -11.53 15.40 -11.16
CA ARG B 45 -10.50 15.72 -10.19
C ARG B 45 -10.50 14.66 -9.08
N THR B 46 -9.31 14.35 -8.58
CA THR B 46 -9.18 13.39 -7.48
C THR B 46 -9.78 13.99 -6.21
N ARG B 47 -10.95 13.50 -5.81
CA ARG B 47 -11.61 14.03 -4.64
C ARG B 47 -11.09 13.38 -3.36
N ARG B 48 -10.88 12.07 -3.38
CA ARG B 48 -10.30 11.34 -2.26
C ARG B 48 -9.13 10.50 -2.76
N THR B 49 -8.14 10.31 -1.91
CA THR B 49 -7.04 9.40 -2.16
C THR B 49 -6.97 8.42 -1.00
N LEU B 50 -7.34 7.17 -1.25
CA LEU B 50 -7.43 6.15 -0.22
C LEU B 50 -6.06 5.48 -0.06
N ARG B 51 -5.37 5.80 1.02
CA ARG B 51 -4.07 5.25 1.33
C ARG B 51 -4.19 4.22 2.43
N GLY B 52 -3.27 3.25 2.43
CA GLY B 52 -3.27 2.20 3.43
C GLY B 52 -2.85 0.85 2.90
N HIS B 53 -3.04 0.61 1.61
CA HIS B 53 -2.47 -0.57 0.97
C HIS B 53 -0.96 -0.36 0.77
N LEU B 54 -0.22 -1.46 0.87
CA LEU B 54 1.23 -1.40 0.76
C LEU B 54 1.79 -2.23 -0.40
N ALA B 55 0.94 -2.92 -1.15
CA ALA B 55 1.37 -3.61 -2.35
C ALA B 55 0.50 -3.19 -3.52
N LYS B 56 0.66 -3.84 -4.67
CA LYS B 56 -0.11 -3.50 -5.85
C LYS B 56 -1.57 -3.87 -5.64
N ILE B 57 -2.47 -2.90 -5.79
CA ILE B 57 -3.90 -3.13 -5.66
C ILE B 57 -4.37 -3.81 -6.93
N TYR B 58 -4.94 -5.00 -6.81
CA TYR B 58 -5.32 -5.79 -7.96
C TYR B 58 -6.80 -5.70 -8.30
N ALA B 59 -7.65 -5.40 -7.33
CA ALA B 59 -9.08 -5.38 -7.61
C ALA B 59 -9.80 -4.44 -6.65
N MET B 60 -11.05 -4.13 -7.02
CA MET B 60 -11.94 -3.31 -6.23
C MET B 60 -13.38 -3.70 -6.54
N HIS B 61 -14.28 -3.24 -5.69
CA HIS B 61 -15.71 -3.29 -5.97
C HIS B 61 -16.41 -2.23 -5.14
N TRP B 62 -17.43 -1.62 -5.72
CA TRP B 62 -18.23 -0.61 -5.03
C TRP B 62 -19.41 -1.26 -4.32
N GLY B 63 -19.85 -0.59 -3.26
CA GLY B 63 -21.09 -0.97 -2.62
C GLY B 63 -22.31 -0.49 -3.38
N THR B 64 -23.44 -1.15 -3.13
CA THR B 64 -24.70 -0.68 -3.69
C THR B 64 -25.24 0.55 -2.98
N ASP B 65 -24.67 0.91 -1.83
CA ASP B 65 -24.98 2.18 -1.19
C ASP B 65 -24.14 3.31 -1.76
N SER B 66 -23.24 3.01 -2.70
CA SER B 66 -22.40 3.98 -3.42
C SER B 66 -21.47 4.75 -2.48
N ARG B 67 -21.19 4.20 -1.32
CA ARG B 67 -20.31 4.82 -0.34
C ARG B 67 -19.24 3.87 0.16
N LEU B 68 -19.57 2.60 0.35
CA LEU B 68 -18.62 1.63 0.86
C LEU B 68 -17.86 0.96 -0.27
N LEU B 69 -16.57 0.78 -0.08
CA LEU B 69 -15.69 0.14 -1.05
C LEU B 69 -15.07 -1.11 -0.45
N VAL B 70 -14.50 -1.93 -1.31
CA VAL B 70 -13.61 -3.01 -0.91
C VAL B 70 -12.47 -3.05 -1.92
N SER B 71 -11.25 -3.26 -1.44
CA SER B 71 -10.09 -3.32 -2.31
C SER B 71 -9.20 -4.48 -1.90
N ALA B 72 -8.55 -5.07 -2.90
CA ALA B 72 -7.64 -6.19 -2.69
C ALA B 72 -6.26 -5.81 -3.19
N SER B 73 -5.24 -6.12 -2.39
CA SER B 73 -3.86 -5.91 -2.79
C SER B 73 -3.04 -7.11 -2.33
N GLN B 74 -1.83 -7.23 -2.87
CA GLN B 74 -0.95 -8.36 -2.56
C GLN B 74 -0.37 -8.31 -1.14
N ASP B 75 -0.79 -7.36 -0.29
CA ASP B 75 -0.50 -7.40 1.13
C ASP B 75 -1.14 -8.60 1.82
N GLY B 76 -2.20 -9.16 1.23
CA GLY B 76 -3.03 -10.09 1.96
C GLY B 76 -4.08 -9.39 2.79
N LYS B 77 -4.48 -8.19 2.41
CA LYS B 77 -5.44 -7.39 3.16
C LYS B 77 -6.58 -6.97 2.26
N LEU B 78 -7.81 -7.25 2.70
CA LEU B 78 -9.02 -6.69 2.09
C LEU B 78 -9.45 -5.52 2.98
N ILE B 79 -9.24 -4.31 2.50
CA ILE B 79 -9.63 -3.11 3.23
C ILE B 79 -10.98 -2.65 2.72
N ILE B 80 -11.92 -2.43 3.63
CA ILE B 80 -13.21 -1.85 3.31
C ILE B 80 -13.17 -0.38 3.66
N TRP B 81 -13.45 0.47 2.67
CA TRP B 81 -13.26 1.91 2.79
C TRP B 81 -14.60 2.61 2.89
N ASP B 82 -14.67 3.60 3.77
CA ASP B 82 -15.72 4.61 3.74
C ASP B 82 -15.21 5.73 2.82
N SER B 83 -15.67 5.73 1.58
CA SER B 83 -15.13 6.63 0.57
C SER B 83 -15.52 8.08 0.83
N TYR B 84 -16.59 8.33 1.59
CA TYR B 84 -17.00 9.70 1.86
C TYR B 84 -16.02 10.39 2.81
N THR B 85 -15.51 9.65 3.80
CA THR B 85 -14.69 10.22 4.86
C THR B 85 -13.25 9.73 4.82
N THR B 86 -12.90 8.86 3.87
CA THR B 86 -11.60 8.19 3.78
C THR B 86 -11.29 7.48 5.11
N ASN B 87 -12.19 6.57 5.46
CA ASN B 87 -12.11 5.81 6.70
C ASN B 87 -12.12 4.33 6.38
N LYS B 88 -11.26 3.57 7.06
CA LYS B 88 -11.18 2.13 6.88
C LYS B 88 -12.20 1.47 7.82
N VAL B 89 -13.28 0.97 7.24
CA VAL B 89 -14.31 0.29 8.03
C VAL B 89 -13.80 -1.05 8.52
N HIS B 90 -13.16 -1.82 7.63
CA HIS B 90 -12.63 -3.13 7.98
C HIS B 90 -11.29 -3.32 7.29
N ALA B 91 -10.45 -4.17 7.90
CA ALA B 91 -9.24 -4.68 7.28
C ALA B 91 -9.23 -6.19 7.48
N ILE B 92 -9.36 -6.93 6.38
CA ILE B 92 -9.54 -8.38 6.45
C ILE B 92 -8.21 -9.04 6.08
N PRO B 93 -7.52 -9.68 7.00
CA PRO B 93 -6.31 -10.44 6.63
C PRO B 93 -6.68 -11.71 5.89
N LEU B 94 -6.01 -11.95 4.77
CA LEU B 94 -6.31 -13.08 3.91
C LEU B 94 -5.34 -14.23 4.18
N ARG B 95 -5.84 -15.46 4.04
CA ARG B 95 -4.99 -16.63 4.18
C ARG B 95 -3.96 -16.70 3.06
N SER B 96 -4.37 -16.34 1.84
CA SER B 96 -3.48 -16.26 0.69
C SER B 96 -3.36 -14.80 0.27
N SER B 97 -2.12 -14.31 0.21
CA SER B 97 -1.89 -12.92 -0.13
C SER B 97 -1.92 -12.65 -1.63
N TRP B 98 -2.02 -13.69 -2.45
CA TRP B 98 -1.99 -13.54 -3.90
C TRP B 98 -3.39 -13.37 -4.48
N VAL B 99 -4.06 -12.37 -3.96
CA VAL B 99 -5.45 -12.10 -4.33
C VAL B 99 -5.47 -11.26 -5.60
N MET B 100 -6.32 -11.64 -6.56
CA MET B 100 -6.45 -10.93 -7.81
C MET B 100 -7.87 -10.48 -8.11
N THR B 101 -8.83 -10.78 -7.24
CA THR B 101 -10.19 -10.33 -7.43
C THR B 101 -10.84 -10.11 -6.08
N CYS B 102 -11.85 -9.24 -6.06
CA CYS B 102 -12.66 -9.06 -4.86
C CYS B 102 -14.04 -8.56 -5.29
N ALA B 103 -15.06 -8.97 -4.55
CA ALA B 103 -16.43 -8.57 -4.81
C ALA B 103 -17.09 -8.19 -3.49
N TYR B 104 -18.11 -7.35 -3.58
CA TYR B 104 -18.85 -6.88 -2.43
C TYR B 104 -20.30 -7.23 -2.68
N ALA B 105 -20.96 -7.82 -1.68
CA ALA B 105 -22.32 -8.31 -1.87
C ALA B 105 -23.29 -7.15 -2.05
N PRO B 106 -24.33 -7.32 -2.88
CA PRO B 106 -25.33 -6.25 -3.05
C PRO B 106 -26.07 -5.90 -1.78
N SER B 107 -26.29 -6.89 -0.89
CA SER B 107 -26.85 -6.58 0.41
C SER B 107 -25.85 -5.91 1.34
N GLY B 108 -24.56 -5.96 1.00
CA GLY B 108 -23.52 -5.43 1.85
C GLY B 108 -23.08 -6.34 2.96
N ASN B 109 -23.64 -7.54 3.05
CA ASN B 109 -23.37 -8.46 4.14
C ASN B 109 -22.07 -9.24 3.96
N TYR B 110 -21.59 -9.40 2.73
CA TYR B 110 -20.49 -10.32 2.46
C TYR B 110 -19.48 -9.68 1.52
N VAL B 111 -18.25 -10.17 1.60
CA VAL B 111 -17.17 -9.82 0.68
C VAL B 111 -16.50 -11.11 0.23
N ALA B 112 -16.34 -11.27 -1.08
CA ALA B 112 -15.58 -12.38 -1.64
C ALA B 112 -14.24 -11.89 -2.15
N CYS B 113 -13.29 -12.81 -2.22
CA CYS B 113 -12.01 -12.55 -2.87
C CYS B 113 -11.42 -13.88 -3.32
N GLY B 114 -10.45 -13.79 -4.22
CA GLY B 114 -9.80 -14.98 -4.73
C GLY B 114 -8.56 -14.62 -5.51
N GLY B 115 -7.80 -15.65 -5.86
CA GLY B 115 -6.55 -15.43 -6.57
C GLY B 115 -5.82 -16.69 -6.93
N LEU B 116 -4.52 -16.72 -6.66
CA LEU B 116 -3.67 -17.84 -7.02
C LEU B 116 -3.91 -19.08 -6.18
N ASP B 117 -4.67 -18.97 -5.08
CA ASP B 117 -5.02 -20.12 -4.27
C ASP B 117 -6.18 -20.92 -4.83
N ASN B 118 -6.76 -20.47 -5.95
CA ASN B 118 -7.86 -21.12 -6.67
C ASN B 118 -9.13 -21.20 -5.83
N ILE B 119 -9.28 -20.33 -4.83
CA ILE B 119 -10.35 -20.43 -3.85
C ILE B 119 -11.03 -19.07 -3.74
N CYS B 120 -12.37 -19.07 -3.84
CA CYS B 120 -13.16 -17.89 -3.53
C CYS B 120 -13.56 -17.95 -2.07
N SER B 121 -13.04 -17.03 -1.27
CA SER B 121 -13.31 -16.98 0.16
C SER B 121 -14.37 -15.94 0.45
N ILE B 122 -15.48 -16.39 1.04
CA ILE B 122 -16.58 -15.50 1.41
C ILE B 122 -16.36 -15.04 2.84
N TYR B 123 -16.47 -13.74 3.07
CA TYR B 123 -16.24 -13.14 4.38
C TYR B 123 -17.54 -12.52 4.89
N ASN B 124 -17.95 -12.93 6.08
CA ASN B 124 -19.16 -12.38 6.70
C ASN B 124 -18.79 -11.07 7.39
N LEU B 125 -19.27 -9.96 6.84
CA LEU B 125 -18.94 -8.65 7.41
C LEU B 125 -19.70 -8.39 8.69
N LYS B 126 -20.99 -8.69 8.71
CA LYS B 126 -21.86 -8.33 9.83
C LYS B 126 -22.09 -9.58 10.67
N THR B 127 -21.12 -9.84 11.55
CA THR B 127 -21.17 -10.97 12.47
C THR B 127 -21.58 -10.50 13.86
N ARG B 128 -22.07 -11.44 14.66
CA ARG B 128 -22.42 -11.14 16.04
C ARG B 128 -21.18 -10.88 16.88
N GLU B 129 -20.05 -11.50 16.53
CA GLU B 129 -18.81 -11.33 17.26
C GLU B 129 -18.14 -9.99 17.00
N GLY B 130 -18.57 -9.26 15.97
CA GLY B 130 -18.02 -7.96 15.68
C GLY B 130 -16.76 -7.96 14.84
N ASN B 131 -16.30 -9.11 14.39
CA ASN B 131 -15.16 -9.21 13.48
C ASN B 131 -15.62 -9.77 12.14
N VAL B 132 -14.75 -9.64 11.15
CA VAL B 132 -15.00 -10.19 9.83
C VAL B 132 -14.31 -11.56 9.77
N ARG B 133 -15.11 -12.61 9.70
CA ARG B 133 -14.61 -13.98 9.63
C ARG B 133 -14.98 -14.59 8.29
N VAL B 134 -14.26 -15.67 7.95
CA VAL B 134 -14.53 -16.38 6.71
C VAL B 134 -15.86 -17.11 6.83
N SER B 135 -16.80 -16.79 5.93
CA SER B 135 -18.06 -17.50 5.90
C SER B 135 -17.80 -18.92 5.42
N ARG B 136 -17.24 -19.06 4.22
CA ARG B 136 -16.68 -20.32 3.77
C ARG B 136 -15.69 -20.07 2.65
N GLU B 137 -14.93 -21.11 2.32
CA GLU B 137 -13.97 -21.08 1.23
C GLU B 137 -14.50 -21.98 0.12
N LEU B 138 -14.71 -21.40 -1.07
CA LEU B 138 -15.24 -22.15 -2.21
C LEU B 138 -14.07 -22.72 -3.00
N ALA B 139 -13.96 -24.04 -3.02
CA ALA B 139 -12.88 -24.74 -3.70
C ALA B 139 -13.45 -25.64 -4.79
N GLY B 140 -12.66 -25.87 -5.83
CA GLY B 140 -13.10 -26.64 -6.96
C GLY B 140 -12.53 -26.16 -8.28
N HIS B 141 -12.04 -24.93 -8.31
CA HIS B 141 -11.33 -24.43 -9.49
C HIS B 141 -9.91 -24.97 -9.51
N THR B 142 -9.47 -25.41 -10.68
CA THR B 142 -8.12 -25.92 -10.85
C THR B 142 -7.16 -24.86 -11.38
N GLY B 143 -7.63 -23.64 -11.62
CA GLY B 143 -6.79 -22.53 -12.02
C GLY B 143 -7.01 -21.34 -11.11
N TYR B 144 -6.17 -20.32 -11.33
CA TYR B 144 -6.28 -19.10 -10.54
C TYR B 144 -7.63 -18.44 -10.76
N LEU B 145 -8.23 -17.97 -9.68
CA LEU B 145 -9.58 -17.42 -9.75
C LEU B 145 -9.46 -15.93 -10.01
N SER B 146 -9.89 -15.51 -11.21
CA SER B 146 -9.59 -14.18 -11.71
C SER B 146 -10.68 -13.15 -11.47
N CYS B 147 -11.94 -13.58 -11.31
CA CYS B 147 -13.01 -12.64 -11.01
C CYS B 147 -14.12 -13.38 -10.29
N CYS B 148 -14.83 -12.66 -9.42
CA CYS B 148 -15.99 -13.18 -8.72
C CYS B 148 -17.04 -12.08 -8.64
N ARG B 149 -18.31 -12.47 -8.71
CA ARG B 149 -19.40 -11.52 -8.67
C ARG B 149 -20.58 -12.12 -7.93
N PHE B 150 -21.08 -11.40 -6.94
CA PHE B 150 -22.22 -11.85 -6.15
C PHE B 150 -23.52 -11.65 -6.92
N LEU B 151 -24.36 -12.69 -6.97
CA LEU B 151 -25.73 -12.51 -7.43
C LEU B 151 -26.62 -12.10 -6.28
N ASP B 152 -26.53 -12.81 -5.16
CA ASP B 152 -27.21 -12.47 -3.93
C ASP B 152 -26.33 -12.97 -2.78
N ASP B 153 -26.91 -13.09 -1.59
CA ASP B 153 -26.14 -13.56 -0.43
C ASP B 153 -25.77 -15.03 -0.53
N ASN B 154 -26.42 -15.79 -1.41
CA ASN B 154 -26.20 -17.22 -1.52
C ASN B 154 -25.69 -17.68 -2.88
N GLN B 155 -25.76 -16.85 -3.91
CA GLN B 155 -25.31 -17.19 -5.24
C GLN B 155 -24.12 -16.31 -5.62
N ILE B 156 -23.11 -16.92 -6.24
CA ILE B 156 -21.94 -16.17 -6.70
C ILE B 156 -21.38 -16.88 -7.93
N VAL B 157 -21.05 -16.11 -8.95
CA VAL B 157 -20.37 -16.59 -10.15
C VAL B 157 -18.91 -16.20 -10.05
N THR B 158 -18.02 -17.18 -10.21
CA THR B 158 -16.58 -16.96 -10.11
C THR B 158 -15.93 -17.29 -11.44
N SER B 159 -15.25 -16.30 -12.02
CA SER B 159 -14.35 -16.53 -13.14
C SER B 159 -13.05 -17.13 -12.64
N SER B 160 -12.38 -17.89 -13.49
CA SER B 160 -11.14 -18.52 -13.10
C SER B 160 -10.25 -18.77 -14.31
N GLY B 161 -8.98 -19.04 -14.04
CA GLY B 161 -7.95 -19.33 -15.01
C GLY B 161 -7.84 -20.77 -15.41
N ASP B 162 -8.85 -21.60 -15.11
CA ASP B 162 -8.92 -22.96 -15.63
C ASP B 162 -9.83 -23.06 -16.85
N THR B 163 -9.96 -21.96 -17.60
CA THR B 163 -10.84 -21.84 -18.77
C THR B 163 -12.28 -22.21 -18.44
N THR B 164 -12.75 -21.77 -17.27
CA THR B 164 -14.04 -22.21 -16.76
C THR B 164 -14.61 -21.14 -15.82
N CYS B 165 -15.86 -20.75 -16.06
CA CYS B 165 -16.64 -19.98 -15.11
C CYS B 165 -17.51 -20.92 -14.29
N ALA B 166 -17.83 -20.53 -13.07
CA ALA B 166 -18.51 -21.41 -12.14
C ALA B 166 -19.49 -20.62 -11.28
N LEU B 167 -20.69 -21.19 -11.09
CA LEU B 167 -21.70 -20.63 -10.22
C LEU B 167 -21.79 -21.47 -8.94
N TRP B 168 -21.73 -20.82 -7.79
CA TRP B 168 -21.62 -21.51 -6.51
C TRP B 168 -22.86 -21.29 -5.66
N ASP B 169 -23.11 -22.24 -4.75
CA ASP B 169 -24.11 -22.11 -3.69
C ASP B 169 -23.34 -21.94 -2.39
N ILE B 170 -23.46 -20.74 -1.79
CA ILE B 170 -22.68 -20.45 -0.59
C ILE B 170 -23.26 -21.16 0.63
N GLU B 171 -24.53 -21.56 0.58
CA GLU B 171 -25.10 -22.31 1.70
C GLU B 171 -24.46 -23.68 1.82
N THR B 172 -24.19 -24.34 0.69
CA THR B 172 -23.60 -25.67 0.70
C THR B 172 -22.13 -25.69 0.34
N GLY B 173 -21.62 -24.65 -0.32
CA GLY B 173 -20.24 -24.65 -0.75
C GLY B 173 -19.96 -25.50 -1.97
N GLN B 174 -21.00 -25.94 -2.67
CA GLN B 174 -20.87 -26.90 -3.76
C GLN B 174 -20.92 -26.21 -5.11
N GLN B 175 -20.37 -26.89 -6.11
CA GLN B 175 -20.34 -26.42 -7.50
C GLN B 175 -21.72 -26.60 -8.10
N THR B 176 -22.52 -25.53 -8.07
CA THR B 176 -23.89 -25.61 -8.59
C THR B 176 -23.89 -25.72 -10.11
N THR B 177 -23.22 -24.79 -10.79
CA THR B 177 -23.25 -24.73 -12.24
C THR B 177 -21.85 -24.45 -12.76
N THR B 178 -21.42 -25.22 -13.77
CA THR B 178 -20.11 -25.05 -14.39
C THR B 178 -20.30 -24.54 -15.81
N PHE B 179 -19.66 -23.43 -16.14
CA PHE B 179 -19.73 -22.82 -17.46
C PHE B 179 -18.43 -23.11 -18.19
N THR B 180 -18.53 -23.90 -19.27
CA THR B 180 -17.35 -24.31 -20.03
C THR B 180 -17.54 -23.97 -21.50
N GLY B 181 -16.41 -23.79 -22.19
CA GLY B 181 -16.44 -23.46 -23.60
C GLY B 181 -15.32 -22.52 -23.99
N HIS B 182 -14.77 -21.80 -23.02
CA HIS B 182 -13.65 -20.91 -23.29
C HIS B 182 -12.38 -21.72 -23.52
N THR B 183 -11.55 -21.26 -24.46
CA THR B 183 -10.29 -21.92 -24.77
C THR B 183 -9.16 -21.41 -23.91
N GLY B 184 -9.04 -20.09 -23.75
CA GLY B 184 -8.05 -19.51 -22.88
C GLY B 184 -8.58 -19.28 -21.48
N ASP B 185 -7.70 -18.79 -20.62
CA ASP B 185 -8.07 -18.55 -19.22
C ASP B 185 -9.01 -17.36 -19.13
N VAL B 186 -10.09 -17.53 -18.36
CA VAL B 186 -11.11 -16.49 -18.27
C VAL B 186 -10.64 -15.44 -17.28
N MET B 187 -10.49 -14.20 -17.75
CA MET B 187 -9.84 -13.16 -16.97
C MET B 187 -10.80 -12.14 -16.37
N SER B 188 -12.01 -12.01 -16.92
CA SER B 188 -12.94 -11.00 -16.46
C SER B 188 -14.35 -11.58 -16.40
N LEU B 189 -15.25 -10.80 -15.82
CA LEU B 189 -16.59 -11.28 -15.51
C LEU B 189 -17.48 -10.07 -15.27
N SER B 190 -18.72 -10.15 -15.72
CA SER B 190 -19.66 -9.05 -15.55
C SER B 190 -21.07 -9.59 -15.53
N LEU B 191 -21.84 -9.23 -14.50
CA LEU B 191 -23.22 -9.67 -14.36
C LEU B 191 -24.18 -8.65 -14.98
N ALA B 192 -25.26 -9.17 -15.56
CA ALA B 192 -26.32 -8.33 -16.07
C ALA B 192 -27.06 -7.67 -14.92
N PRO B 193 -27.71 -6.52 -15.17
CA PRO B 193 -28.46 -5.85 -14.09
C PRO B 193 -29.59 -6.70 -13.50
N ASP B 194 -30.24 -7.54 -14.29
CA ASP B 194 -31.26 -8.44 -13.76
C ASP B 194 -30.69 -9.75 -13.25
N THR B 195 -29.37 -9.94 -13.39
CA THR B 195 -28.64 -11.17 -12.99
C THR B 195 -29.23 -12.42 -13.62
N ARG B 196 -29.77 -12.29 -14.84
CA ARG B 196 -30.25 -13.41 -15.63
C ARG B 196 -29.17 -13.99 -16.52
N LEU B 197 -28.32 -13.13 -17.07
CA LEU B 197 -27.20 -13.52 -17.92
C LEU B 197 -25.93 -12.92 -17.35
N PHE B 198 -24.79 -13.35 -17.89
CA PHE B 198 -23.52 -12.72 -17.60
C PHE B 198 -22.55 -12.99 -18.74
N VAL B 199 -21.58 -12.10 -18.89
CA VAL B 199 -20.58 -12.21 -19.93
C VAL B 199 -19.22 -12.45 -19.27
N SER B 200 -18.34 -13.13 -20.00
CA SER B 200 -17.00 -13.40 -19.52
C SER B 200 -16.00 -13.22 -20.65
N GLY B 201 -14.91 -12.51 -20.37
CA GLY B 201 -13.83 -12.32 -21.31
C GLY B 201 -12.64 -13.18 -20.92
N ALA B 202 -12.07 -13.88 -21.90
CA ALA B 202 -11.01 -14.85 -21.65
C ALA B 202 -9.80 -14.51 -22.51
N CYS B 203 -8.80 -15.39 -22.43
CA CYS B 203 -7.54 -15.23 -23.14
C CYS B 203 -7.57 -15.82 -24.54
N ASP B 204 -8.71 -16.34 -24.99
CA ASP B 204 -8.84 -16.79 -26.37
C ASP B 204 -9.33 -15.68 -27.29
N ALA B 205 -9.18 -14.41 -26.87
CA ALA B 205 -9.65 -13.23 -27.60
C ALA B 205 -11.14 -13.31 -27.92
N SER B 206 -11.91 -13.83 -26.96
CA SER B 206 -13.33 -14.08 -27.17
C SER B 206 -14.10 -13.71 -25.92
N ALA B 207 -15.36 -13.34 -26.12
CA ALA B 207 -16.30 -13.08 -25.04
C ALA B 207 -17.52 -13.94 -25.24
N LYS B 208 -18.00 -14.55 -24.16
CA LYS B 208 -19.12 -15.48 -24.22
C LYS B 208 -20.23 -15.00 -23.30
N LEU B 209 -21.47 -15.07 -23.79
CA LEU B 209 -22.65 -14.73 -23.00
C LEU B 209 -23.27 -16.01 -22.47
N TRP B 210 -23.32 -16.15 -21.15
CA TRP B 210 -23.87 -17.33 -20.51
C TRP B 210 -25.21 -17.01 -19.88
N ASP B 211 -26.00 -18.05 -19.67
CA ASP B 211 -27.24 -17.95 -18.90
C ASP B 211 -27.05 -18.68 -17.59
N VAL B 212 -27.42 -18.02 -16.49
CA VAL B 212 -27.16 -18.57 -15.16
C VAL B 212 -28.02 -19.82 -14.92
N ARG B 213 -29.30 -19.75 -15.28
CA ARG B 213 -30.24 -20.80 -14.92
C ARG B 213 -30.22 -22.00 -15.86
N GLU B 214 -29.58 -21.89 -17.03
CA GLU B 214 -29.39 -23.04 -17.89
C GLU B 214 -27.94 -23.51 -17.96
N GLY B 215 -26.98 -22.64 -17.64
CA GLY B 215 -25.58 -23.04 -17.55
C GLY B 215 -24.92 -23.41 -18.85
N MET B 216 -25.24 -22.72 -19.94
CA MET B 216 -24.63 -23.02 -21.22
C MET B 216 -24.62 -21.75 -22.06
N CYS B 217 -23.62 -21.64 -22.94
CA CYS B 217 -23.31 -20.39 -23.61
C CYS B 217 -24.36 -20.08 -24.66
N ARG B 218 -24.89 -18.84 -24.62
CA ARG B 218 -25.83 -18.39 -25.63
C ARG B 218 -25.11 -17.90 -26.88
N GLN B 219 -24.29 -16.87 -26.74
CA GLN B 219 -23.60 -16.25 -27.86
C GLN B 219 -22.11 -16.12 -27.55
N THR B 220 -21.30 -16.16 -28.61
CA THR B 220 -19.87 -15.97 -28.52
C THR B 220 -19.49 -14.74 -29.33
N PHE B 221 -18.73 -13.83 -28.73
CA PHE B 221 -18.37 -12.57 -29.35
C PHE B 221 -16.87 -12.54 -29.58
N THR B 222 -16.46 -12.31 -30.82
CA THR B 222 -15.06 -12.26 -31.20
C THR B 222 -14.76 -10.91 -31.84
N GLY B 223 -13.48 -10.67 -32.09
CA GLY B 223 -13.04 -9.42 -32.70
C GLY B 223 -11.75 -8.90 -32.11
N HIS B 224 -11.47 -9.26 -30.86
CA HIS B 224 -10.23 -8.85 -30.23
C HIS B 224 -9.05 -9.62 -30.79
N GLU B 225 -7.87 -9.01 -30.68
CA GLU B 225 -6.63 -9.61 -31.18
C GLU B 225 -5.72 -10.11 -30.06
N SER B 226 -6.10 -9.93 -28.80
CA SER B 226 -5.25 -10.33 -27.69
C SER B 226 -6.13 -10.76 -26.52
N ASP B 227 -5.51 -10.87 -25.34
CA ASP B 227 -6.17 -11.41 -24.17
C ASP B 227 -7.12 -10.39 -23.58
N ILE B 228 -8.42 -10.72 -23.49
CA ILE B 228 -9.40 -9.83 -22.89
C ILE B 228 -9.22 -9.87 -21.38
N ASN B 229 -9.00 -8.69 -20.78
CA ASN B 229 -8.78 -8.59 -19.34
C ASN B 229 -9.91 -7.89 -18.61
N ALA B 230 -10.85 -7.27 -19.32
CA ALA B 230 -11.91 -6.50 -18.71
C ALA B 230 -13.19 -6.65 -19.51
N ILE B 231 -14.33 -6.61 -18.80
CA ILE B 231 -15.63 -6.70 -19.45
C ILE B 231 -16.65 -6.06 -18.51
N CYS B 232 -17.69 -5.46 -19.11
CA CYS B 232 -18.69 -4.73 -18.34
C CYS B 232 -19.93 -4.52 -19.20
N PHE B 233 -21.11 -4.83 -18.65
CA PHE B 233 -22.36 -4.57 -19.35
C PHE B 233 -22.66 -3.08 -19.50
N PHE B 234 -23.36 -2.76 -20.58
CA PHE B 234 -24.05 -1.48 -20.69
C PHE B 234 -25.18 -1.46 -19.66
N PRO B 235 -25.54 -0.30 -19.12
CA PRO B 235 -26.48 -0.26 -17.98
C PRO B 235 -27.88 -0.83 -18.25
N ASN B 236 -28.32 -0.95 -19.50
CA ASN B 236 -29.62 -1.58 -19.72
C ASN B 236 -29.52 -3.10 -19.83
N GLY B 237 -28.30 -3.64 -19.89
CA GLY B 237 -28.10 -5.06 -19.99
C GLY B 237 -28.21 -5.64 -21.39
N ASN B 238 -28.39 -4.80 -22.41
CA ASN B 238 -28.51 -5.28 -23.78
C ASN B 238 -27.21 -5.12 -24.57
N ALA B 239 -26.14 -4.67 -23.93
CA ALA B 239 -24.86 -4.50 -24.59
C ALA B 239 -23.76 -4.58 -23.54
N PHE B 240 -22.53 -4.76 -24.01
CA PHE B 240 -21.39 -4.79 -23.11
C PHE B 240 -20.14 -4.34 -23.85
N ALA B 241 -19.13 -3.95 -23.08
CA ALA B 241 -17.85 -3.51 -23.63
C ALA B 241 -16.72 -4.33 -23.01
N THR B 242 -15.70 -4.59 -23.81
CA THR B 242 -14.54 -5.38 -23.41
C THR B 242 -13.29 -4.54 -23.48
N GLY B 243 -12.24 -5.01 -22.80
CA GLY B 243 -10.94 -4.40 -22.86
C GLY B 243 -9.84 -5.44 -22.87
N SER B 244 -8.88 -5.32 -23.78
CA SER B 244 -7.89 -6.37 -23.97
C SER B 244 -6.51 -5.76 -24.09
N ASP B 245 -5.54 -6.58 -24.47
CA ASP B 245 -4.13 -6.20 -24.51
C ASP B 245 -3.73 -5.55 -25.82
N ASP B 246 -4.62 -5.44 -26.80
CA ASP B 246 -4.32 -4.80 -28.08
C ASP B 246 -4.67 -3.32 -28.09
N ALA B 247 -4.89 -2.72 -26.90
CA ALA B 247 -5.18 -1.30 -26.71
C ALA B 247 -6.48 -0.87 -27.39
N THR B 248 -7.42 -1.80 -27.57
CA THR B 248 -8.71 -1.50 -28.15
C THR B 248 -9.82 -1.94 -27.20
N CYS B 249 -10.80 -1.07 -27.02
CA CYS B 249 -12.06 -1.44 -26.37
C CYS B 249 -13.11 -1.62 -27.45
N ARG B 250 -13.80 -2.76 -27.40
CA ARG B 250 -14.86 -3.04 -28.35
C ARG B 250 -16.20 -3.07 -27.63
N LEU B 251 -17.23 -2.54 -28.27
CA LEU B 251 -18.59 -2.58 -27.76
C LEU B 251 -19.39 -3.61 -28.53
N PHE B 252 -20.01 -4.54 -27.81
CA PHE B 252 -20.80 -5.59 -28.41
C PHE B 252 -22.25 -5.47 -27.96
N ASP B 253 -23.16 -5.86 -28.84
CA ASP B 253 -24.59 -5.88 -28.54
C ASP B 253 -25.07 -7.32 -28.45
N LEU B 254 -25.95 -7.59 -27.49
CA LEU B 254 -26.47 -8.95 -27.34
C LEU B 254 -27.49 -9.30 -28.41
N ARG B 255 -28.37 -8.35 -28.76
CA ARG B 255 -29.40 -8.65 -29.75
C ARG B 255 -28.83 -8.69 -31.16
N ALA B 256 -27.95 -7.74 -31.50
CA ALA B 256 -27.36 -7.71 -32.84
C ALA B 256 -26.31 -8.80 -32.99
N ASP B 257 -25.67 -9.21 -31.89
CA ASP B 257 -24.63 -10.24 -31.83
C ASP B 257 -23.49 -9.83 -32.77
N GLN B 258 -23.01 -8.60 -32.55
CA GLN B 258 -21.99 -7.99 -33.39
C GLN B 258 -21.14 -7.06 -32.55
N GLU B 259 -19.97 -6.72 -33.07
CA GLU B 259 -19.19 -5.61 -32.54
C GLU B 259 -19.64 -4.32 -33.20
N LEU B 260 -19.95 -3.30 -32.39
CA LEU B 260 -20.47 -2.05 -32.90
C LEU B 260 -19.39 -0.99 -33.09
N MET B 261 -18.50 -0.82 -32.12
CA MET B 261 -17.54 0.26 -32.19
C MET B 261 -16.28 -0.06 -31.41
N THR B 262 -15.14 0.28 -32.00
CA THR B 262 -13.84 0.10 -31.39
C THR B 262 -13.38 1.41 -30.79
N TYR B 263 -12.98 1.38 -29.51
CA TYR B 263 -12.49 2.55 -28.80
C TYR B 263 -10.96 2.42 -28.71
N SER B 264 -10.27 2.90 -29.73
CA SER B 264 -8.83 2.80 -29.81
C SER B 264 -8.25 4.11 -30.30
N HIS B 265 -6.99 4.34 -29.95
CA HIS B 265 -6.24 5.51 -30.41
C HIS B 265 -4.85 5.07 -30.83
N ASP B 266 -4.24 5.85 -31.72
CA ASP B 266 -2.90 5.54 -32.20
C ASP B 266 -1.85 5.76 -31.11
N ASN B 267 -2.07 6.74 -30.23
CA ASN B 267 -1.12 7.01 -29.15
C ASN B 267 -1.24 6.05 -27.98
N ILE B 268 -2.23 5.16 -27.99
CA ILE B 268 -2.40 4.16 -26.94
C ILE B 268 -2.01 2.81 -27.52
N ILE B 269 -0.95 2.23 -26.97
CA ILE B 269 -0.47 0.92 -27.41
C ILE B 269 -0.45 -0.11 -26.29
N CYS B 270 -0.63 0.28 -25.04
CA CYS B 270 -0.58 -0.63 -23.91
C CYS B 270 -1.93 -1.28 -23.67
N GLY B 271 -1.91 -2.37 -22.90
CA GLY B 271 -3.11 -3.13 -22.66
C GLY B 271 -4.10 -2.43 -21.74
N ILE B 272 -5.28 -3.02 -21.64
CA ILE B 272 -6.38 -2.48 -20.85
C ILE B 272 -6.68 -3.46 -19.72
N THR B 273 -6.61 -2.96 -18.49
CA THR B 273 -6.84 -3.79 -17.32
C THR B 273 -8.30 -3.78 -16.87
N SER B 274 -8.93 -2.61 -16.85
CA SER B 274 -10.27 -2.46 -16.31
C SER B 274 -11.13 -1.67 -17.27
N VAL B 275 -12.41 -2.02 -17.33
CA VAL B 275 -13.40 -1.34 -18.16
C VAL B 275 -14.67 -1.17 -17.34
N SER B 276 -15.18 0.07 -17.28
CA SER B 276 -16.41 0.35 -16.55
C SER B 276 -17.21 1.39 -17.31
N PHE B 277 -18.52 1.36 -17.11
CA PHE B 277 -19.46 2.28 -17.75
C PHE B 277 -19.98 3.29 -16.74
N SER B 278 -20.42 4.44 -17.26
CA SER B 278 -21.09 5.43 -16.44
C SER B 278 -22.54 4.99 -16.19
N LYS B 279 -23.29 5.83 -15.48
CA LYS B 279 -24.67 5.47 -15.14
C LYS B 279 -25.57 5.44 -16.37
N SER B 280 -25.43 6.42 -17.26
CA SER B 280 -26.19 6.42 -18.50
C SER B 280 -25.56 5.56 -19.58
N GLY B 281 -24.30 5.16 -19.42
CA GLY B 281 -23.58 4.46 -20.45
C GLY B 281 -22.98 5.33 -21.52
N ARG B 282 -23.14 6.65 -21.43
CA ARG B 282 -22.57 7.53 -22.45
C ARG B 282 -21.06 7.58 -22.37
N LEU B 283 -20.50 7.50 -21.16
CA LEU B 283 -19.06 7.50 -20.97
C LEU B 283 -18.58 6.10 -20.66
N LEU B 284 -17.55 5.65 -21.36
CA LEU B 284 -16.88 4.39 -21.08
C LEU B 284 -15.51 4.70 -20.49
N LEU B 285 -15.27 4.21 -19.28
CA LEU B 285 -14.01 4.44 -18.58
C LEU B 285 -13.18 3.16 -18.65
N ALA B 286 -11.94 3.30 -19.12
CA ALA B 286 -11.04 2.17 -19.29
C ALA B 286 -9.70 2.48 -18.64
N GLY B 287 -9.21 1.56 -17.82
CA GLY B 287 -7.91 1.69 -17.19
C GLY B 287 -6.86 0.95 -17.99
N TYR B 288 -5.75 1.61 -18.25
CA TYR B 288 -4.72 1.12 -19.16
C TYR B 288 -3.43 0.87 -18.38
N ASP B 289 -2.42 0.36 -19.09
CA ASP B 289 -1.12 0.09 -18.50
C ASP B 289 -0.18 1.28 -18.53
N ASP B 290 -0.53 2.35 -19.25
CA ASP B 290 0.29 3.56 -19.28
C ASP B 290 -0.06 4.53 -18.15
N PHE B 291 -0.58 4.00 -17.05
CA PHE B 291 -0.70 4.58 -15.71
C PHE B 291 -1.88 5.53 -15.57
N ASN B 292 -2.80 5.59 -16.53
CA ASN B 292 -3.92 6.50 -16.42
C ASN B 292 -5.17 5.88 -17.04
N CYS B 293 -6.32 6.42 -16.65
CA CYS B 293 -7.62 6.00 -17.15
C CYS B 293 -8.09 6.99 -18.20
N ASN B 294 -8.56 6.47 -19.33
CA ASN B 294 -9.06 7.29 -20.43
C ASN B 294 -10.58 7.16 -20.51
N VAL B 295 -11.27 8.29 -20.39
CA VAL B 295 -12.72 8.31 -20.54
C VAL B 295 -13.04 8.35 -22.02
N TRP B 296 -13.88 7.43 -22.47
CA TRP B 296 -14.24 7.31 -23.87
C TRP B 296 -15.71 7.67 -24.06
N ASP B 297 -15.99 8.43 -25.11
CA ASP B 297 -17.37 8.58 -25.58
C ASP B 297 -17.81 7.23 -26.11
N ALA B 298 -18.64 6.53 -25.33
CA ALA B 298 -19.05 5.17 -25.69
C ALA B 298 -19.92 5.13 -26.93
N LEU B 299 -20.51 6.25 -27.31
CA LEU B 299 -21.30 6.33 -28.53
C LEU B 299 -20.54 6.85 -29.73
N LYS B 300 -19.42 7.54 -29.53
CA LYS B 300 -18.71 8.21 -30.61
C LYS B 300 -17.25 7.82 -30.76
N ALA B 301 -16.71 6.98 -29.86
CA ALA B 301 -15.29 6.58 -29.85
C ALA B 301 -14.36 7.79 -29.79
N ASP B 302 -14.70 8.76 -28.96
CA ASP B 302 -13.86 9.94 -28.76
C ASP B 302 -13.34 9.94 -27.33
N ARG B 303 -12.07 10.31 -27.17
CA ARG B 303 -11.46 10.40 -25.85
C ARG B 303 -12.06 11.59 -25.12
N ALA B 304 -13.04 11.31 -24.26
CA ALA B 304 -13.73 12.38 -23.55
C ALA B 304 -12.87 12.99 -22.45
N GLY B 305 -11.94 12.23 -21.91
CA GLY B 305 -11.07 12.75 -20.87
C GLY B 305 -10.05 11.71 -20.46
N VAL B 306 -9.05 12.18 -19.72
CA VAL B 306 -7.97 11.34 -19.22
C VAL B 306 -7.90 11.51 -17.70
N LEU B 307 -7.90 10.40 -16.99
CA LEU B 307 -7.81 10.38 -15.53
C LEU B 307 -6.36 10.03 -15.17
N ALA B 308 -5.49 11.03 -15.15
CA ALA B 308 -4.09 10.84 -14.85
C ALA B 308 -3.81 11.22 -13.40
N GLY B 309 -2.80 10.57 -12.82
CA GLY B 309 -2.49 10.80 -11.41
C GLY B 309 -2.03 9.56 -10.67
N HIS B 310 -1.97 8.43 -11.36
CA HIS B 310 -1.45 7.19 -10.78
C HIS B 310 -0.02 6.98 -11.26
N ASP B 311 0.87 6.63 -10.34
CA ASP B 311 2.27 6.43 -10.67
C ASP B 311 2.56 5.05 -11.25
N ASN B 312 1.62 4.11 -11.15
CA ASN B 312 1.80 2.78 -11.69
C ASN B 312 0.54 2.41 -12.46
N ARG B 313 0.49 1.16 -12.92
CA ARG B 313 -0.57 0.72 -13.83
C ARG B 313 -1.91 0.67 -13.12
N VAL B 314 -2.91 1.31 -13.74
CA VAL B 314 -4.27 1.30 -13.21
C VAL B 314 -4.84 -0.10 -13.43
N SER B 315 -5.06 -0.83 -12.34
CA SER B 315 -5.45 -2.24 -12.44
C SER B 315 -6.94 -2.48 -12.32
N CYS B 316 -7.69 -1.60 -11.65
CA CYS B 316 -9.10 -1.84 -11.44
C CYS B 316 -9.88 -0.53 -11.47
N LEU B 317 -11.13 -0.62 -11.89
CA LEU B 317 -12.02 0.53 -12.05
C LEU B 317 -13.36 0.22 -11.43
N GLY B 318 -14.09 1.27 -11.07
CA GLY B 318 -15.42 1.09 -10.55
C GLY B 318 -16.23 2.36 -10.50
N VAL B 319 -17.44 2.32 -11.04
CA VAL B 319 -18.38 3.43 -10.99
C VAL B 319 -19.49 3.04 -10.02
N THR B 320 -19.86 3.98 -9.14
CA THR B 320 -20.90 3.74 -8.16
C THR B 320 -22.25 3.54 -8.83
N ASP B 321 -23.16 2.89 -8.09
CA ASP B 321 -24.47 2.56 -8.64
C ASP B 321 -25.34 3.78 -8.89
N ASP B 322 -25.08 4.90 -8.21
CA ASP B 322 -25.76 6.15 -8.53
C ASP B 322 -24.98 6.97 -9.56
N GLY B 323 -23.88 6.45 -10.07
CA GLY B 323 -23.08 7.13 -11.08
C GLY B 323 -22.36 8.36 -10.60
N MET B 324 -22.26 8.55 -9.29
CA MET B 324 -21.76 9.82 -8.76
C MET B 324 -20.26 9.94 -8.94
N ALA B 325 -19.52 8.86 -8.67
CA ALA B 325 -18.07 8.90 -8.72
C ALA B 325 -17.54 7.66 -9.41
N VAL B 326 -16.33 7.78 -9.93
CA VAL B 326 -15.56 6.66 -10.44
C VAL B 326 -14.31 6.53 -9.59
N ALA B 327 -13.97 5.30 -9.22
CA ALA B 327 -12.81 5.02 -8.40
C ALA B 327 -11.82 4.17 -9.19
N THR B 328 -10.57 4.62 -9.21
CA THR B 328 -9.50 3.93 -9.92
C THR B 328 -8.51 3.39 -8.90
N GLY B 329 -8.21 2.09 -9.01
CA GLY B 329 -7.16 1.47 -8.23
C GLY B 329 -5.97 1.19 -9.14
N SER B 330 -4.79 1.11 -8.55
CA SER B 330 -3.59 0.99 -9.35
C SER B 330 -2.52 0.22 -8.58
N TRP B 331 -1.44 -0.11 -9.29
CA TRP B 331 -0.34 -0.88 -8.73
C TRP B 331 0.55 -0.07 -7.80
N ASP B 332 0.36 1.24 -7.70
CA ASP B 332 1.12 2.07 -6.78
C ASP B 332 0.46 2.15 -5.40
N SER B 333 -0.40 1.18 -5.06
CA SER B 333 -0.99 1.02 -3.73
C SER B 333 -1.89 2.18 -3.33
N PHE B 334 -2.57 2.80 -4.30
CA PHE B 334 -3.46 3.91 -4.02
C PHE B 334 -4.79 3.74 -4.74
N LEU B 335 -5.84 4.24 -4.10
CA LEU B 335 -7.18 4.31 -4.68
C LEU B 335 -7.58 5.77 -4.73
N LYS B 336 -8.15 6.20 -5.86
CA LYS B 336 -8.52 7.60 -6.04
C LYS B 336 -9.97 7.69 -6.47
N ILE B 337 -10.70 8.64 -5.89
CA ILE B 337 -12.09 8.90 -6.19
C ILE B 337 -12.17 10.13 -7.08
N TRP B 338 -12.97 10.06 -8.14
CA TRP B 338 -13.01 11.12 -9.15
C TRP B 338 -14.43 11.60 -9.37
N ASN B 339 -14.57 12.91 -9.58
CA ASN B 339 -15.82 13.53 -10.02
C ASN B 339 -15.56 14.62 -11.05
N ASN C 1 -7.79 -41.86 -28.67
CA ASN C 1 -8.02 -40.53 -29.26
C ASN C 1 -9.45 -40.41 -29.78
N THR C 2 -10.30 -41.37 -29.40
CA THR C 2 -11.70 -41.35 -29.81
C THR C 2 -12.56 -40.41 -28.97
N ALA C 3 -12.02 -39.85 -27.89
CA ALA C 3 -12.78 -38.95 -27.05
C ALA C 3 -12.93 -37.56 -27.66
N SER C 4 -12.16 -37.22 -28.69
CA SER C 4 -12.28 -35.93 -29.35
C SER C 4 -13.55 -35.81 -30.17
N ILE C 5 -14.18 -36.94 -30.53
CA ILE C 5 -15.42 -36.90 -31.30
C ILE C 5 -16.54 -36.29 -30.49
N ALA C 6 -16.60 -36.61 -29.19
CA ALA C 6 -17.60 -36.02 -28.32
C ALA C 6 -17.39 -34.51 -28.15
N GLN C 7 -16.13 -34.09 -28.05
CA GLN C 7 -15.83 -32.67 -27.96
C GLN C 7 -16.21 -31.94 -29.24
N ALA C 8 -15.96 -32.56 -30.40
CA ALA C 8 -16.35 -31.98 -31.68
C ALA C 8 -17.86 -31.90 -31.81
N ARG C 9 -18.58 -32.93 -31.35
CA ARG C 9 -20.04 -32.89 -31.37
C ARG C 9 -20.58 -31.79 -30.46
N LYS C 10 -19.99 -31.61 -29.28
CA LYS C 10 -20.40 -30.54 -28.39
C LYS C 10 -20.13 -29.17 -29.01
N LEU C 11 -18.97 -29.02 -29.67
CA LEU C 11 -18.65 -27.75 -30.31
C LEU C 11 -19.59 -27.42 -31.47
N VAL C 12 -19.92 -28.42 -32.30
CA VAL C 12 -20.82 -28.14 -33.42
C VAL C 12 -22.25 -27.96 -32.93
N GLU C 13 -22.62 -28.58 -31.80
CA GLU C 13 -23.94 -28.32 -31.22
C GLU C 13 -24.04 -26.89 -30.67
N GLN C 14 -22.97 -26.43 -30.01
CA GLN C 14 -22.93 -25.05 -29.54
C GLN C 14 -22.98 -24.07 -30.70
N LEU C 15 -22.24 -24.34 -31.77
CA LEU C 15 -22.28 -23.47 -32.95
C LEU C 15 -23.64 -23.52 -33.63
N LYS C 16 -24.30 -24.69 -33.60
CA LYS C 16 -25.61 -24.83 -34.22
C LYS C 16 -26.68 -24.05 -33.46
N MET C 17 -26.62 -24.06 -32.13
CA MET C 17 -27.59 -23.25 -31.39
C MET C 17 -27.24 -21.77 -31.48
N GLU C 18 -25.95 -21.44 -31.56
CA GLU C 18 -25.55 -20.04 -31.67
C GLU C 18 -25.92 -19.45 -33.03
N ALA C 19 -25.97 -20.28 -34.07
CA ALA C 19 -26.42 -19.81 -35.37
C ALA C 19 -27.92 -19.54 -35.39
N ASN C 20 -28.70 -20.36 -34.69
CA ASN C 20 -30.16 -20.22 -34.67
C ASN C 20 -30.57 -19.25 -33.57
N ILE C 21 -30.16 -18.00 -33.75
CA ILE C 21 -30.47 -16.92 -32.83
C ILE C 21 -31.05 -15.76 -33.61
N ASP C 22 -32.22 -15.27 -33.20
CA ASP C 22 -32.84 -14.15 -33.87
C ASP C 22 -32.07 -12.87 -33.58
N ARG C 23 -31.70 -12.16 -34.63
CA ARG C 23 -30.85 -10.97 -34.53
C ARG C 23 -31.60 -9.77 -35.06
N ILE C 24 -31.64 -8.70 -34.28
CA ILE C 24 -32.17 -7.43 -34.75
C ILE C 24 -31.05 -6.67 -35.45
N LYS C 25 -31.43 -5.72 -36.29
CA LYS C 25 -30.45 -4.96 -37.07
C LYS C 25 -29.59 -4.10 -36.17
N VAL C 26 -28.34 -3.87 -36.60
CA VAL C 26 -27.41 -3.09 -35.82
C VAL C 26 -27.82 -1.62 -35.77
N SER C 27 -28.60 -1.15 -36.75
CA SER C 27 -29.17 0.19 -36.66
C SER C 27 -30.19 0.28 -35.53
N LYS C 28 -31.02 -0.75 -35.37
CA LYS C 28 -32.00 -0.77 -34.29
C LYS C 28 -31.34 -0.83 -32.93
N ALA C 29 -30.31 -1.67 -32.78
CA ALA C 29 -29.57 -1.75 -31.52
C ALA C 29 -28.83 -0.45 -31.23
N ALA C 30 -28.26 0.17 -32.26
CA ALA C 30 -27.58 1.45 -32.10
C ALA C 30 -28.56 2.53 -31.65
N ALA C 31 -29.76 2.54 -32.24
CA ALA C 31 -30.78 3.51 -31.83
C ALA C 31 -31.26 3.23 -30.42
N ASP C 32 -31.34 1.96 -30.02
CA ASP C 32 -31.73 1.63 -28.65
C ASP C 32 -30.70 2.11 -27.63
N LEU C 33 -29.42 1.88 -27.91
CA LEU C 33 -28.37 2.38 -27.01
C LEU C 33 -28.34 3.90 -26.99
N MET C 34 -28.53 4.55 -28.14
CA MET C 34 -28.56 6.01 -28.19
C MET C 34 -29.74 6.57 -27.41
N ALA C 35 -30.91 5.92 -27.52
CA ALA C 35 -32.09 6.36 -26.78
C ALA C 35 -31.90 6.16 -25.28
N TYR C 36 -31.26 5.06 -24.88
CA TYR C 36 -30.98 4.85 -23.46
C TYR C 36 -29.99 5.89 -22.94
N CYS C 37 -28.99 6.26 -23.76
CA CYS C 37 -28.04 7.29 -23.35
C CYS C 37 -28.72 8.65 -23.22
N GLU C 38 -29.62 8.98 -24.16
CA GLU C 38 -30.28 10.28 -24.11
C GLU C 38 -31.33 10.35 -23.01
N ALA C 39 -31.97 9.22 -22.67
CA ALA C 39 -33.00 9.23 -21.65
C ALA C 39 -32.42 9.40 -20.26
N HIS C 40 -31.21 8.92 -20.02
CA HIS C 40 -30.57 8.96 -18.70
C HIS C 40 -29.40 9.93 -18.66
N ALA C 41 -29.30 10.84 -19.64
CA ALA C 41 -28.16 11.75 -19.71
C ALA C 41 -28.17 12.75 -18.56
N LYS C 42 -29.36 13.22 -18.16
CA LYS C 42 -29.44 14.21 -17.10
C LYS C 42 -29.15 13.61 -15.73
N GLU C 43 -29.43 12.31 -15.56
CA GLU C 43 -29.18 11.62 -14.29
C GLU C 43 -27.81 10.95 -14.26
N ASP C 44 -26.88 11.40 -15.10
CA ASP C 44 -25.52 10.88 -15.07
C ASP C 44 -24.61 11.92 -14.44
N PRO C 45 -24.17 11.74 -13.19
CA PRO C 45 -23.31 12.75 -12.57
C PRO C 45 -21.91 12.82 -13.18
N LEU C 46 -21.41 11.73 -13.76
CA LEU C 46 -20.09 11.80 -14.40
C LEU C 46 -20.18 12.52 -15.73
N LEU C 47 -21.22 12.23 -16.53
CA LEU C 47 -21.40 12.90 -17.81
C LEU C 47 -21.83 14.35 -17.61
N THR C 48 -22.83 14.57 -16.75
CA THR C 48 -23.30 15.91 -16.40
C THR C 48 -22.98 16.19 -14.95
N PRO C 49 -21.93 16.96 -14.65
CA PRO C 49 -21.53 17.17 -13.25
C PRO C 49 -22.57 17.91 -12.45
N VAL C 50 -22.81 17.42 -11.23
CA VAL C 50 -23.75 18.01 -10.30
C VAL C 50 -23.06 19.16 -9.58
N PRO C 51 -23.78 20.12 -9.00
CA PRO C 51 -23.13 21.16 -8.20
C PRO C 51 -22.52 20.59 -6.93
N ALA C 52 -21.60 21.37 -6.35
CA ALA C 52 -20.85 20.92 -5.18
C ALA C 52 -21.73 20.73 -3.95
N SER C 53 -22.91 21.36 -3.91
CA SER C 53 -23.85 21.09 -2.83
C SER C 53 -24.43 19.68 -2.93
N GLU C 54 -24.61 19.17 -4.15
CA GLU C 54 -25.13 17.84 -4.38
C GLU C 54 -24.04 16.79 -4.53
N ASN C 55 -22.77 17.17 -4.39
CA ASN C 55 -21.67 16.24 -4.58
C ASN C 55 -21.22 15.70 -3.23
N PRO C 56 -21.40 14.40 -2.95
CA PRO C 56 -21.00 13.87 -1.65
C PRO C 56 -19.49 13.80 -1.45
N PHE C 57 -18.69 13.90 -2.51
CA PHE C 57 -17.24 13.87 -2.41
C PHE C 57 -16.63 15.26 -2.52
N ARG C 58 -17.33 16.28 -2.04
CA ARG C 58 -16.90 17.67 -2.16
C ARG C 58 -15.64 17.95 -1.35
N ASP D 1 -21.92 -17.85 22.48
CA ASP D 1 -22.67 -16.64 22.20
C ASP D 1 -22.06 -15.44 22.93
N VAL D 2 -22.50 -14.23 22.54
CA VAL D 2 -21.98 -13.02 23.14
C VAL D 2 -22.56 -12.86 24.53
N GLN D 3 -21.69 -12.69 25.53
CA GLN D 3 -22.11 -12.52 26.91
C GLN D 3 -21.23 -11.49 27.59
N LEU D 4 -21.84 -10.67 28.44
CA LEU D 4 -21.12 -9.75 29.31
C LEU D 4 -21.60 -9.99 30.73
N VAL D 5 -20.68 -10.39 31.61
CA VAL D 5 -21.01 -10.75 32.99
C VAL D 5 -20.29 -9.77 33.91
N GLU D 6 -21.05 -9.13 34.79
CA GLU D 6 -20.50 -8.17 35.73
C GLU D 6 -20.21 -8.84 37.07
N SER D 7 -19.29 -8.24 37.81
CA SER D 7 -18.92 -8.75 39.12
C SER D 7 -18.36 -7.59 39.95
N GLY D 8 -18.33 -7.79 41.27
CA GLY D 8 -17.78 -6.81 42.18
C GLY D 8 -18.79 -5.97 42.93
N GLY D 9 -20.06 -6.05 42.58
CA GLY D 9 -21.07 -5.28 43.28
C GLY D 9 -21.38 -5.84 44.65
N GLY D 10 -22.03 -5.02 45.46
CA GLY D 10 -22.39 -5.40 46.80
C GLY D 10 -22.63 -4.17 47.65
N LEU D 11 -22.79 -4.42 48.95
CA LEU D 11 -23.05 -3.36 49.91
C LEU D 11 -21.72 -2.77 50.39
N VAL D 12 -21.58 -1.46 50.27
CA VAL D 12 -20.35 -0.76 50.66
C VAL D 12 -20.74 0.52 51.38
N GLN D 13 -19.95 0.88 52.39
CA GLN D 13 -20.18 2.11 53.14
C GLN D 13 -19.88 3.33 52.26
N PRO D 14 -20.50 4.47 52.55
CA PRO D 14 -20.17 5.69 51.81
C PRO D 14 -18.72 6.11 52.01
N GLY D 15 -18.12 6.64 50.95
CA GLY D 15 -16.72 6.99 50.96
C GLY D 15 -15.77 5.85 50.67
N GLY D 16 -16.28 4.63 50.50
CA GLY D 16 -15.44 3.49 50.22
C GLY D 16 -15.08 3.40 48.75
N SER D 17 -14.35 2.33 48.42
CA SER D 17 -13.90 2.09 47.05
C SER D 17 -14.20 0.66 46.66
N ARG D 18 -14.85 0.48 45.51
CA ARG D 18 -15.13 -0.83 44.95
C ARG D 18 -14.77 -0.82 43.46
N LYS D 19 -14.38 -1.99 42.96
CA LYS D 19 -14.03 -2.16 41.56
C LYS D 19 -14.99 -3.15 40.92
N LEU D 20 -15.59 -2.75 39.81
CA LEU D 20 -16.47 -3.61 39.03
C LEU D 20 -15.70 -4.22 37.88
N SER D 21 -15.86 -5.52 37.67
CA SER D 21 -15.24 -6.23 36.56
C SER D 21 -16.32 -6.70 35.61
N CYS D 22 -16.01 -6.67 34.31
CA CYS D 22 -16.95 -7.08 33.27
C CYS D 22 -16.24 -8.08 32.36
N SER D 23 -16.47 -9.37 32.61
CA SER D 23 -15.84 -10.42 31.82
C SER D 23 -16.62 -10.61 30.53
N ALA D 24 -15.93 -10.52 29.40
CA ALA D 24 -16.54 -10.60 28.08
C ALA D 24 -16.20 -11.93 27.43
N SER D 25 -17.21 -12.58 26.85
CA SER D 25 -17.01 -13.83 26.15
C SER D 25 -17.93 -13.88 24.94
N GLY D 26 -17.42 -14.42 23.85
CA GLY D 26 -18.20 -14.61 22.65
C GLY D 26 -18.04 -13.56 21.58
N PHE D 27 -17.16 -12.58 21.77
CA PHE D 27 -16.95 -11.55 20.77
C PHE D 27 -15.54 -10.98 20.92
N ALA D 28 -15.09 -10.29 19.89
CA ALA D 28 -13.77 -9.65 19.89
C ALA D 28 -13.81 -8.42 20.79
N PHE D 29 -13.38 -8.58 22.04
CA PHE D 29 -13.47 -7.49 23.02
C PHE D 29 -12.56 -6.32 22.66
N SER D 30 -11.46 -6.58 21.95
CA SER D 30 -10.50 -5.53 21.66
C SER D 30 -11.04 -4.52 20.64
N SER D 31 -11.93 -4.95 19.76
CA SER D 31 -12.42 -4.10 18.68
C SER D 31 -13.69 -3.35 19.04
N PHE D 32 -14.18 -3.48 20.27
CA PHE D 32 -15.41 -2.85 20.70
C PHE D 32 -15.10 -1.75 21.71
N GLY D 33 -15.72 -0.58 21.53
CA GLY D 33 -15.77 0.38 22.60
C GLY D 33 -16.69 -0.09 23.70
N MET D 34 -16.40 0.32 24.94
CA MET D 34 -17.13 -0.23 26.07
C MET D 34 -17.67 0.89 26.93
N HIS D 35 -18.91 0.75 27.38
CA HIS D 35 -19.59 1.74 28.18
C HIS D 35 -20.01 1.15 29.52
N TRP D 36 -20.14 2.01 30.51
CA TRP D 36 -20.80 1.69 31.77
C TRP D 36 -22.05 2.54 31.87
N VAL D 37 -23.20 1.89 32.03
CA VAL D 37 -24.48 2.57 32.19
C VAL D 37 -25.14 2.01 33.43
N ARG D 38 -25.48 2.88 34.38
CA ARG D 38 -26.08 2.45 35.64
C ARG D 38 -27.55 2.81 35.66
N GLN D 39 -28.32 2.04 36.42
CA GLN D 39 -29.74 2.29 36.61
C GLN D 39 -30.03 2.35 38.10
N ALA D 40 -30.45 3.51 38.57
CA ALA D 40 -30.80 3.69 39.96
C ALA D 40 -32.10 2.95 40.27
N PRO D 41 -32.38 2.68 41.55
CA PRO D 41 -33.67 2.06 41.91
C PRO D 41 -34.90 2.89 41.55
N GLU D 42 -34.74 4.17 41.20
CA GLU D 42 -35.82 4.99 40.66
C GLU D 42 -36.08 4.72 39.17
N LYS D 43 -35.42 3.70 38.59
CA LYS D 43 -35.63 3.23 37.22
C LYS D 43 -35.31 4.32 36.20
N GLY D 44 -34.04 4.73 36.19
CA GLY D 44 -33.55 5.65 35.19
C GLY D 44 -32.16 5.30 34.72
N LEU D 45 -32.00 5.09 33.41
CA LEU D 45 -30.71 4.75 32.84
C LEU D 45 -29.82 5.98 32.81
N GLU D 46 -28.57 5.83 33.26
CA GLU D 46 -27.63 6.95 33.28
C GLU D 46 -26.27 6.45 32.81
N TRP D 47 -25.72 7.13 31.81
CA TRP D 47 -24.40 6.80 31.30
C TRP D 47 -23.33 7.25 32.30
N VAL D 48 -22.30 6.42 32.47
CA VAL D 48 -21.24 6.66 33.44
C VAL D 48 -19.92 6.97 32.75
N ALA D 49 -19.39 6.01 31.98
CA ALA D 49 -18.07 6.16 31.39
C ALA D 49 -18.00 5.38 30.10
N TYR D 50 -17.03 5.76 29.27
CA TYR D 50 -16.80 5.10 28.00
C TYR D 50 -15.30 5.04 27.74
N ILE D 51 -14.83 3.88 27.29
CA ILE D 51 -13.45 3.69 26.87
C ILE D 51 -13.45 3.13 25.46
N SER D 52 -12.64 3.70 24.59
CA SER D 52 -12.62 3.31 23.19
C SER D 52 -11.83 2.02 23.01
N SER D 53 -11.81 1.52 21.78
CA SER D 53 -10.94 0.40 21.44
C SER D 53 -9.49 0.85 21.52
N GLY D 54 -8.66 0.04 22.16
CA GLY D 54 -7.27 0.43 22.37
C GLY D 54 -7.05 1.45 23.46
N SER D 55 -8.11 1.80 24.21
CA SER D 55 -8.05 2.73 25.34
C SER D 55 -7.54 4.11 24.94
N GLY D 56 -7.74 4.50 23.68
CA GLY D 56 -7.24 5.79 23.23
C GLY D 56 -8.10 6.96 23.64
N THR D 57 -9.41 6.76 23.76
CA THR D 57 -10.33 7.83 24.11
C THR D 57 -11.17 7.37 25.30
N ILE D 58 -11.18 8.18 26.36
CA ILE D 58 -11.88 7.85 27.60
C ILE D 58 -12.74 9.05 27.97
N TYR D 59 -14.03 8.80 28.24
CA TYR D 59 -14.96 9.84 28.65
C TYR D 59 -15.65 9.42 29.95
N TYR D 60 -16.11 10.42 30.70
CA TYR D 60 -16.81 10.19 31.95
C TYR D 60 -18.04 11.08 32.01
N ALA D 61 -19.03 10.63 32.78
CA ALA D 61 -20.15 11.50 33.11
C ALA D 61 -19.69 12.61 34.05
N ASP D 62 -20.37 13.76 33.98
CA ASP D 62 -19.97 14.91 34.77
C ASP D 62 -20.19 14.71 36.27
N THR D 63 -21.04 13.76 36.66
CA THR D 63 -21.26 13.48 38.07
C THR D 63 -20.27 12.49 38.65
N VAL D 64 -19.46 11.83 37.81
CA VAL D 64 -18.50 10.84 38.29
C VAL D 64 -17.11 11.17 37.75
N LYS D 65 -16.97 12.32 37.09
CA LYS D 65 -15.70 12.68 36.49
C LYS D 65 -14.69 13.04 37.57
N GLY D 66 -13.48 12.50 37.45
CA GLY D 66 -12.46 12.70 38.46
C GLY D 66 -12.67 11.89 39.72
N ARG D 67 -13.64 10.98 39.72
CA ARG D 67 -13.96 10.19 40.90
C ARG D 67 -14.03 8.71 40.54
N PHE D 68 -14.30 8.42 39.28
CA PHE D 68 -14.35 7.06 38.76
C PHE D 68 -13.22 6.86 37.76
N THR D 69 -12.83 5.61 37.56
CA THR D 69 -11.79 5.26 36.61
C THR D 69 -12.22 4.02 35.84
N ILE D 70 -12.31 4.13 34.52
CA ILE D 70 -12.69 3.02 33.65
C ILE D 70 -11.44 2.54 32.92
N SER D 71 -11.28 1.22 32.85
CA SER D 71 -10.14 0.63 32.19
C SER D 71 -10.53 -0.73 31.64
N ARG D 72 -9.72 -1.22 30.71
CA ARG D 72 -9.93 -2.53 30.11
C ARG D 72 -8.59 -3.24 29.99
N ASP D 73 -8.64 -4.57 29.97
CA ASP D 73 -7.46 -5.38 29.68
C ASP D 73 -7.86 -6.36 28.58
N ASP D 74 -7.45 -6.04 27.36
CA ASP D 74 -7.85 -6.85 26.21
C ASP D 74 -7.27 -8.27 26.16
N PRO D 75 -6.09 -8.59 26.72
CA PRO D 75 -5.70 -10.02 26.80
C PRO D 75 -6.70 -10.93 27.50
N LYS D 76 -7.32 -10.49 28.59
CA LYS D 76 -8.24 -11.35 29.33
C LYS D 76 -9.70 -10.93 29.17
N ASN D 77 -9.99 -10.01 28.25
CA ASN D 77 -11.36 -9.62 27.86
C ASN D 77 -12.18 -9.13 29.05
N THR D 78 -11.57 -8.31 29.90
CA THR D 78 -12.23 -7.81 31.10
C THR D 78 -12.27 -6.29 31.07
N LEU D 79 -13.43 -5.74 31.41
CA LEU D 79 -13.62 -4.30 31.54
C LEU D 79 -13.73 -3.93 33.01
N PHE D 80 -13.02 -2.89 33.42
CA PHE D 80 -12.96 -2.49 34.81
C PHE D 80 -13.56 -1.10 35.00
N LEU D 81 -14.14 -0.87 36.17
CA LEU D 81 -14.58 0.46 36.61
C LEU D 81 -14.08 0.64 38.04
N GLN D 82 -12.94 1.31 38.19
CA GLN D 82 -12.40 1.61 39.50
C GLN D 82 -13.13 2.81 40.07
N MET D 83 -13.86 2.61 41.15
CA MET D 83 -14.69 3.64 41.76
C MET D 83 -14.12 3.98 43.12
N THR D 84 -13.89 5.28 43.36
CA THR D 84 -13.44 5.77 44.65
C THR D 84 -14.41 6.83 45.15
N SER D 85 -14.49 6.94 46.48
CA SER D 85 -15.33 7.94 47.18
C SER D 85 -16.80 7.82 46.77
N LEU D 86 -17.37 6.64 47.04
CA LEU D 86 -18.75 6.36 46.66
C LEU D 86 -19.71 7.11 47.56
N ARG D 87 -20.69 7.78 46.94
CA ARG D 87 -21.72 8.53 47.64
C ARG D 87 -23.03 7.74 47.63
N SER D 88 -24.04 8.29 48.30
CA SER D 88 -25.33 7.62 48.39
C SER D 88 -26.09 7.60 47.07
N GLU D 89 -25.81 8.54 46.17
CA GLU D 89 -26.45 8.54 44.87
C GLU D 89 -25.75 7.65 43.86
N ASP D 90 -24.67 6.98 44.25
CA ASP D 90 -24.02 6.00 43.39
C ASP D 90 -24.66 4.61 43.52
N THR D 91 -25.69 4.47 44.37
CA THR D 91 -26.42 3.22 44.50
C THR D 91 -27.23 2.99 43.23
N ALA D 92 -26.75 2.10 42.38
CA ALA D 92 -27.41 1.81 41.11
C ALA D 92 -26.95 0.44 40.63
N MET D 93 -27.67 -0.08 39.64
CA MET D 93 -27.35 -1.36 39.01
C MET D 93 -26.58 -1.06 37.74
N TYR D 94 -25.28 -1.36 37.74
CA TYR D 94 -24.38 -0.95 36.67
C TYR D 94 -24.38 -1.99 35.56
N TYR D 95 -24.63 -1.54 34.34
CA TYR D 95 -24.64 -2.42 33.17
C TYR D 95 -23.39 -2.17 32.34
N CYS D 96 -22.78 -3.27 31.89
CA CYS D 96 -21.63 -3.22 31.00
C CYS D 96 -22.15 -3.29 29.56
N VAL D 97 -21.90 -2.23 28.78
CA VAL D 97 -22.53 -2.04 27.48
C VAL D 97 -21.47 -2.21 26.40
N ARG D 98 -21.84 -2.91 25.34
CA ARG D 98 -20.96 -3.24 24.22
C ARG D 98 -21.33 -2.36 23.02
N SER D 99 -20.32 -1.73 22.41
CA SER D 99 -20.60 -0.79 21.33
C SER D 99 -19.43 -0.73 20.37
N ILE D 100 -19.73 -0.72 19.07
CA ILE D 100 -18.72 -0.61 18.03
C ILE D 100 -19.09 0.54 17.11
N TYR D 101 -18.08 1.20 16.54
CA TYR D 101 -18.28 2.42 15.77
C TYR D 101 -17.55 2.33 14.43
N TYR D 102 -18.30 2.08 13.37
CA TYR D 102 -17.85 2.29 12.00
C TYR D 102 -19.07 2.73 11.21
N TYR D 103 -18.91 2.85 9.89
CA TYR D 103 -20.04 3.23 9.06
C TYR D 103 -21.07 2.10 9.01
N GLY D 104 -22.30 2.40 9.39
CA GLY D 104 -23.34 1.40 9.41
C GLY D 104 -23.31 0.47 10.60
N SER D 105 -22.48 0.76 11.60
CA SER D 105 -22.39 -0.09 12.78
C SER D 105 -23.62 0.10 13.66
N SER D 106 -23.76 -0.80 14.63
CA SER D 106 -24.88 -0.80 15.56
C SER D 106 -24.33 -0.80 16.98
N PRO D 107 -23.91 0.35 17.49
CA PRO D 107 -23.42 0.40 18.87
C PRO D 107 -24.57 0.29 19.87
N PHE D 108 -24.20 0.01 21.12
CA PHE D 108 -25.12 -0.24 22.23
C PHE D 108 -26.02 -1.43 21.96
N ASP D 109 -25.57 -2.37 21.13
CA ASP D 109 -26.43 -3.47 20.70
C ASP D 109 -26.60 -4.52 21.79
N PHE D 110 -25.53 -4.85 22.50
CA PHE D 110 -25.58 -5.85 23.56
C PHE D 110 -25.25 -5.20 24.88
N TRP D 111 -26.06 -5.49 25.90
CA TRP D 111 -25.87 -5.03 27.26
C TRP D 111 -25.63 -6.22 28.17
N GLY D 112 -24.80 -6.02 29.19
CA GLY D 112 -24.60 -7.05 30.18
C GLY D 112 -25.80 -7.20 31.11
N GLN D 113 -25.75 -8.26 31.92
CA GLN D 113 -26.87 -8.53 32.81
C GLN D 113 -26.95 -7.52 33.95
N GLY D 114 -25.81 -6.99 34.40
CA GLY D 114 -25.80 -5.96 35.41
C GLY D 114 -25.51 -6.46 36.80
N THR D 115 -24.71 -5.71 37.55
CA THR D 115 -24.42 -6.01 38.95
C THR D 115 -25.07 -4.95 39.84
N THR D 116 -25.55 -5.36 41.00
CA THR D 116 -26.24 -4.49 41.93
C THR D 116 -25.26 -4.00 42.99
N LEU D 117 -25.10 -2.69 43.09
CA LEU D 117 -24.24 -2.08 44.09
C LEU D 117 -25.08 -1.17 44.97
N THR D 118 -24.95 -1.33 46.28
CA THR D 118 -25.71 -0.56 47.26
C THR D 118 -24.75 0.21 48.15
N VAL D 119 -25.03 1.49 48.35
CA VAL D 119 -24.30 2.34 49.28
C VAL D 119 -25.27 2.76 50.38
N SER D 120 -24.88 2.52 51.63
CA SER D 120 -25.77 2.74 52.77
C SER D 120 -25.85 4.22 53.09
N SER D 121 -26.50 4.55 54.20
CA SER D 121 -26.65 5.94 54.63
C SER D 121 -25.87 6.21 55.91
N GLY D 135 -26.08 21.32 32.47
CA GLY D 135 -26.12 22.60 31.79
C GLY D 135 -25.97 22.49 30.29
N SER D 136 -24.80 22.00 29.85
CA SER D 136 -24.53 21.82 28.43
C SER D 136 -24.97 20.45 27.91
N ASP D 137 -25.44 19.56 28.78
CA ASP D 137 -25.90 18.26 28.36
C ASP D 137 -27.23 18.36 27.62
N ILE D 138 -27.40 17.48 26.63
CA ILE D 138 -28.63 17.45 25.84
C ILE D 138 -29.74 16.86 26.68
N VAL D 139 -30.64 17.70 27.18
CA VAL D 139 -31.73 17.24 28.03
C VAL D 139 -32.79 16.60 27.15
N MET D 140 -33.15 15.36 27.47
CA MET D 140 -34.15 14.61 26.70
C MET D 140 -35.32 14.27 27.59
N THR D 141 -36.52 14.61 27.15
CA THR D 141 -37.74 14.42 27.93
C THR D 141 -38.72 13.54 27.17
N GLN D 142 -39.39 12.66 27.90
CA GLN D 142 -40.48 11.86 27.38
C GLN D 142 -41.76 12.30 28.07
N ALA D 143 -42.76 12.69 27.28
CA ALA D 143 -43.99 13.25 27.84
C ALA D 143 -44.78 12.21 28.61
N THR D 144 -44.87 11.00 28.09
CA THR D 144 -45.61 9.92 28.73
C THR D 144 -44.63 9.01 29.47
N SER D 145 -44.84 8.84 30.77
CA SER D 145 -44.00 7.98 31.58
C SER D 145 -44.61 6.60 31.82
N SER D 146 -45.93 6.50 31.80
CA SER D 146 -46.61 5.22 32.02
C SER D 146 -47.98 5.28 31.36
N VAL D 147 -48.15 4.52 30.28
CA VAL D 147 -49.43 4.47 29.58
C VAL D 147 -49.86 3.01 29.43
N PRO D 148 -51.16 2.71 29.54
CA PRO D 148 -51.62 1.35 29.29
C PRO D 148 -51.85 1.09 27.81
N VAL D 149 -51.57 -0.14 27.40
CA VAL D 149 -51.70 -0.53 26.00
C VAL D 149 -52.40 -1.89 25.93
N THR D 150 -53.34 -2.01 25.01
CA THR D 150 -53.98 -3.29 24.74
C THR D 150 -53.13 -4.09 23.76
N PRO D 151 -52.83 -5.37 24.06
CA PRO D 151 -52.04 -6.17 23.12
C PRO D 151 -52.75 -6.38 21.80
N GLY D 152 -51.97 -6.40 20.72
CA GLY D 152 -52.51 -6.48 19.38
C GLY D 152 -52.80 -5.15 18.73
N GLU D 153 -52.63 -4.04 19.42
CA GLU D 153 -52.92 -2.71 18.90
C GLU D 153 -51.64 -1.88 18.83
N SER D 154 -51.61 -0.96 17.88
CA SER D 154 -50.44 -0.11 17.70
C SER D 154 -50.32 0.92 18.82
N VAL D 155 -49.08 1.23 19.20
CA VAL D 155 -48.80 2.22 20.23
C VAL D 155 -47.57 3.01 19.80
N SER D 156 -47.52 4.29 20.17
CA SER D 156 -46.42 5.17 19.84
C SER D 156 -45.83 5.76 21.11
N ILE D 157 -44.50 5.72 21.23
CA ILE D 157 -43.77 6.33 22.33
C ILE D 157 -42.99 7.50 21.78
N SER D 158 -43.28 8.70 22.30
CA SER D 158 -42.68 9.92 21.80
C SER D 158 -41.52 10.35 22.69
N CYS D 159 -40.47 10.87 22.07
CA CYS D 159 -39.32 11.40 22.78
C CYS D 159 -38.93 12.74 22.18
N ARG D 160 -38.41 13.62 23.02
CA ARG D 160 -37.97 14.95 22.60
C ARG D 160 -36.56 15.18 23.10
N SER D 161 -35.86 16.10 22.42
CA SER D 161 -34.50 16.47 22.78
C SER D 161 -34.38 17.98 22.79
N SER D 162 -33.56 18.51 23.71
CA SER D 162 -33.34 19.95 23.77
C SER D 162 -32.55 20.44 22.56
N LYS D 163 -31.58 19.65 22.12
CA LYS D 163 -30.77 19.97 20.96
C LYS D 163 -31.16 19.08 19.79
N SER D 164 -30.98 19.59 18.58
CA SER D 164 -31.28 18.80 17.38
C SER D 164 -30.23 17.71 17.22
N LEU D 165 -30.68 16.46 17.15
CA LEU D 165 -29.79 15.32 17.03
C LEU D 165 -29.38 15.04 15.59
N LEU D 166 -29.91 15.77 14.62
CA LEU D 166 -29.56 15.58 13.22
C LEU D 166 -28.22 16.27 12.97
N HIS D 167 -27.20 15.49 12.63
CA HIS D 167 -25.88 16.01 12.36
C HIS D 167 -25.77 16.43 10.89
N SER D 168 -24.66 17.11 10.57
CA SER D 168 -24.43 17.58 9.21
C SER D 168 -24.16 16.44 8.23
N ASN D 169 -23.82 15.25 8.73
CA ASN D 169 -23.59 14.09 7.87
C ASN D 169 -24.87 13.33 7.53
N GLY D 170 -26.02 13.79 8.03
CA GLY D 170 -27.29 13.17 7.73
C GLY D 170 -27.76 12.14 8.74
N ASN D 171 -26.93 11.78 9.71
CA ASN D 171 -27.30 10.80 10.73
C ASN D 171 -27.99 11.51 11.88
N THR D 172 -29.14 10.99 12.28
CA THR D 172 -29.84 11.45 13.48
C THR D 172 -29.57 10.44 14.58
N TYR D 173 -28.79 10.84 15.59
CA TYR D 173 -28.29 9.92 16.60
C TYR D 173 -29.31 9.78 17.71
N LEU D 174 -30.30 8.92 17.46
CA LEU D 174 -31.29 8.53 18.45
C LEU D 174 -31.25 7.03 18.64
N TYR D 175 -31.23 6.58 19.88
CA TYR D 175 -31.16 5.16 20.21
C TYR D 175 -32.36 4.79 21.06
N TRP D 176 -33.05 3.72 20.69
CA TRP D 176 -34.22 3.24 21.41
C TRP D 176 -33.88 1.94 22.12
N PHE D 177 -34.17 1.88 23.41
CA PHE D 177 -33.88 0.71 24.24
C PHE D 177 -35.16 0.22 24.90
N LEU D 178 -35.32 -1.09 24.96
CA LEU D 178 -36.42 -1.72 25.69
C LEU D 178 -35.85 -2.50 26.85
N GLN D 179 -36.30 -2.20 28.06
CA GLN D 179 -35.87 -2.90 29.27
C GLN D 179 -37.08 -3.61 29.86
N ARG D 180 -37.14 -4.92 29.67
CA ARG D 180 -38.20 -5.72 30.24
C ARG D 180 -38.00 -5.84 31.76
N PRO D 181 -39.08 -6.08 32.51
CA PRO D 181 -38.94 -6.23 33.97
C PRO D 181 -38.08 -7.43 34.34
N GLY D 182 -37.07 -7.19 35.17
CA GLY D 182 -36.11 -8.21 35.53
C GLY D 182 -35.24 -8.65 34.38
N GLN D 183 -34.86 -7.73 33.51
CA GLN D 183 -34.06 -8.08 32.34
C GLN D 183 -33.27 -6.86 31.89
N SER D 184 -32.13 -7.13 31.26
CA SER D 184 -31.25 -6.07 30.79
C SER D 184 -31.87 -5.36 29.58
N PRO D 185 -31.57 -4.07 29.40
CA PRO D 185 -32.05 -3.36 28.21
C PRO D 185 -31.41 -3.90 26.94
N GLN D 186 -32.17 -3.84 25.85
CA GLN D 186 -31.67 -4.23 24.54
C GLN D 186 -31.96 -3.13 23.53
N LEU D 187 -31.15 -3.07 22.49
CA LEU D 187 -31.29 -2.04 21.47
C LEU D 187 -32.34 -2.43 20.44
N LEU D 188 -33.20 -1.47 20.09
CA LEU D 188 -34.22 -1.66 19.06
C LEU D 188 -33.91 -0.84 17.81
N ILE D 189 -33.72 0.46 17.97
CA ILE D 189 -33.40 1.37 16.86
C ILE D 189 -32.10 2.07 17.23
N TYR D 190 -31.14 2.08 16.30
CA TYR D 190 -29.86 2.69 16.66
C TYR D 190 -29.61 4.06 16.04
N ARG D 191 -30.09 4.38 14.84
CA ARG D 191 -30.06 5.79 14.40
C ARG D 191 -31.43 6.17 13.86
N MET D 192 -32.37 6.41 14.78
CA MET D 192 -33.66 7.08 14.60
C MET D 192 -34.62 6.35 13.66
N SER D 193 -34.11 5.44 12.83
CA SER D 193 -34.93 4.57 12.00
C SER D 193 -34.37 3.17 11.83
N ASN D 194 -33.10 2.94 12.17
CA ASN D 194 -32.40 1.72 11.76
C ASN D 194 -32.75 0.58 12.71
N LEU D 195 -33.47 -0.41 12.20
CA LEU D 195 -33.93 -1.51 13.02
C LEU D 195 -32.74 -2.42 13.34
N ALA D 196 -32.62 -2.83 14.61
CA ALA D 196 -31.46 -3.58 15.06
C ALA D 196 -31.57 -5.04 14.63
N SER D 197 -30.62 -5.86 15.08
CA SER D 197 -30.56 -7.27 14.73
C SER D 197 -31.17 -8.11 15.84
N GLY D 198 -32.03 -9.06 15.48
CA GLY D 198 -32.69 -9.91 16.43
C GLY D 198 -33.97 -9.34 16.99
N VAL D 199 -34.29 -8.09 16.69
CA VAL D 199 -35.53 -7.45 17.11
C VAL D 199 -36.54 -7.56 15.97
N PRO D 200 -37.81 -7.88 16.26
CA PRO D 200 -38.78 -8.10 15.18
C PRO D 200 -39.09 -6.83 14.40
N ASP D 201 -39.67 -7.04 13.21
CA ASP D 201 -39.93 -5.96 12.26
C ASP D 201 -41.08 -5.05 12.66
N ARG D 202 -41.87 -5.42 13.66
CA ARG D 202 -42.98 -4.56 14.09
C ARG D 202 -42.53 -3.34 14.87
N PHE D 203 -41.26 -3.26 15.27
CA PHE D 203 -40.72 -2.05 15.87
C PHE D 203 -40.20 -1.13 14.77
N SER D 204 -40.68 0.11 14.75
CA SER D 204 -40.27 1.09 13.75
C SER D 204 -40.11 2.45 14.42
N GLY D 205 -39.02 3.13 14.10
CA GLY D 205 -38.75 4.45 14.62
C GLY D 205 -38.73 5.48 13.51
N SER D 206 -39.11 6.71 13.86
CA SER D 206 -39.11 7.81 12.91
C SER D 206 -38.96 9.11 13.68
N GLY D 207 -39.07 10.23 12.96
CA GLY D 207 -38.92 11.55 13.53
C GLY D 207 -37.92 12.38 12.76
N SER D 208 -37.77 13.63 13.20
CA SER D 208 -36.83 14.54 12.58
C SER D 208 -36.48 15.64 13.57
N GLY D 209 -35.21 16.03 13.59
CA GLY D 209 -34.77 17.13 14.43
C GLY D 209 -34.81 16.83 15.90
N THR D 210 -35.77 17.44 16.61
CA THR D 210 -35.92 17.24 18.04
C THR D 210 -37.14 16.41 18.42
N ALA D 211 -38.08 16.21 17.50
CA ALA D 211 -39.29 15.42 17.77
C ALA D 211 -39.08 14.01 17.26
N PHE D 212 -39.45 13.03 18.09
CA PHE D 212 -39.18 11.64 17.76
C PHE D 212 -40.35 10.77 18.20
N THR D 213 -40.47 9.61 17.57
CA THR D 213 -41.50 8.64 17.95
C THR D 213 -41.00 7.24 17.64
N LEU D 214 -41.58 6.26 18.33
CA LEU D 214 -41.30 4.85 18.12
C LEU D 214 -42.63 4.11 18.05
N THR D 215 -42.90 3.48 16.91
CA THR D 215 -44.18 2.83 16.66
C THR D 215 -44.04 1.33 16.80
N ILE D 216 -44.87 0.74 17.65
CA ILE D 216 -44.92 -0.72 17.83
C ILE D 216 -46.31 -1.17 17.39
N SER D 217 -46.40 -1.69 16.17
CA SER D 217 -47.66 -2.22 15.67
C SER D 217 -47.81 -3.67 16.11
N ARG D 218 -49.05 -4.05 16.43
CA ARG D 218 -49.41 -5.40 16.87
C ARG D 218 -48.61 -5.83 18.10
N LEU D 219 -48.82 -5.09 19.19
CA LEU D 219 -48.08 -5.33 20.43
C LEU D 219 -48.48 -6.67 21.05
N GLU D 220 -47.50 -7.33 21.66
CA GLU D 220 -47.69 -8.57 22.39
C GLU D 220 -47.16 -8.40 23.81
N ALA D 221 -47.31 -9.46 24.61
CA ALA D 221 -46.79 -9.45 25.98
C ALA D 221 -45.27 -9.46 26.03
N GLU D 222 -44.61 -9.85 24.94
CA GLU D 222 -43.15 -9.83 24.88
C GLU D 222 -42.60 -8.41 24.81
N ASP D 223 -43.40 -7.45 24.40
CA ASP D 223 -42.97 -6.06 24.26
C ASP D 223 -43.21 -5.22 25.52
N VAL D 224 -43.69 -5.83 26.60
CA VAL D 224 -43.97 -5.09 27.83
C VAL D 224 -42.66 -4.74 28.52
N GLY D 225 -42.48 -3.46 28.82
CA GLY D 225 -41.26 -3.01 29.48
C GLY D 225 -41.20 -1.50 29.50
N VAL D 226 -40.01 -1.00 29.80
CA VAL D 226 -39.74 0.43 29.86
C VAL D 226 -38.88 0.81 28.67
N TYR D 227 -39.28 1.86 27.96
CA TYR D 227 -38.62 2.30 26.74
C TYR D 227 -37.84 3.57 27.00
N TYR D 228 -36.56 3.58 26.62
CA TYR D 228 -35.67 4.71 26.83
C TYR D 228 -35.16 5.22 25.49
N CYS D 229 -35.11 6.53 25.34
CA CYS D 229 -34.50 7.17 24.18
C CYS D 229 -33.18 7.79 24.60
N MET D 230 -32.13 7.50 23.84
CA MET D 230 -30.78 7.97 24.16
C MET D 230 -30.16 8.61 22.93
N GLN D 231 -29.46 9.72 23.15
CA GLN D 231 -28.71 10.38 22.09
C GLN D 231 -27.26 9.95 22.15
N HIS D 232 -26.61 9.95 20.99
CA HIS D 232 -25.17 9.70 20.91
C HIS D 232 -24.50 10.79 20.08
N LEU D 233 -25.10 11.98 20.07
CA LEU D 233 -24.56 13.08 19.27
C LEU D 233 -23.29 13.63 19.89
N GLU D 234 -23.29 13.85 21.21
CA GLU D 234 -22.19 14.55 21.86
C GLU D 234 -22.17 14.13 23.32
N TYR D 235 -20.98 13.81 23.82
CA TYR D 235 -20.86 13.28 25.18
C TYR D 235 -21.08 14.40 26.20
N PRO D 236 -21.73 14.11 27.34
CA PRO D 236 -22.23 12.82 27.84
C PRO D 236 -23.51 12.34 27.16
N LEU D 237 -23.65 11.02 27.04
CA LEU D 237 -24.85 10.44 26.47
C LEU D 237 -25.97 10.51 27.49
N THR D 238 -27.12 11.02 27.07
CA THR D 238 -28.24 11.26 27.95
C THR D 238 -29.41 10.36 27.55
N PHE D 239 -29.99 9.67 28.53
CA PHE D 239 -31.14 8.83 28.29
C PHE D 239 -32.42 9.60 28.57
N GLY D 240 -33.54 9.03 28.12
CA GLY D 240 -34.83 9.57 28.43
C GLY D 240 -35.26 9.22 29.84
N ALA D 241 -36.42 9.76 30.22
CA ALA D 241 -36.96 9.46 31.53
C ALA D 241 -37.42 8.01 31.62
N GLY D 242 -37.93 7.46 30.53
CA GLY D 242 -38.40 6.08 30.51
C GLY D 242 -39.91 6.00 30.43
N THR D 243 -40.41 5.36 29.38
CA THR D 243 -41.85 5.17 29.18
C THR D 243 -42.19 3.71 29.38
N LYS D 244 -43.01 3.42 30.38
CA LYS D 244 -43.41 2.07 30.72
C LYS D 244 -44.77 1.77 30.12
N LEU D 245 -44.87 0.64 29.41
CA LEU D 245 -46.14 0.18 28.86
C LEU D 245 -46.70 -0.91 29.76
N GLU D 246 -47.87 -0.67 30.33
CA GLU D 246 -48.52 -1.61 31.23
C GLU D 246 -49.61 -2.38 30.49
N LEU D 247 -50.28 -3.27 31.22
CA LEU D 247 -51.38 -4.10 30.74
C LEU D 247 -51.01 -4.92 29.50
N ASP E 1 55.74 43.71 16.38
CA ASP E 1 55.30 44.26 15.11
C ASP E 1 53.84 43.87 14.82
N HIS E 2 53.58 42.57 14.80
CA HIS E 2 52.25 42.05 14.53
C HIS E 2 51.46 41.73 15.79
N PHE E 3 52.02 42.03 16.97
CA PHE E 3 51.44 41.59 18.23
C PHE E 3 50.09 42.25 18.49
N LEU E 4 49.16 41.47 19.06
CA LEU E 4 47.78 41.92 19.22
C LEU E 4 47.13 41.18 20.37
N GLU E 5 46.53 41.91 21.30
CA GLU E 5 45.71 41.33 22.34
C GLU E 5 44.26 41.32 21.87
N ILE E 6 43.68 40.13 21.75
CA ILE E 6 42.32 39.99 21.24
C ILE E 6 41.34 39.94 22.40
N ASP E 7 41.52 38.96 23.29
CA ASP E 7 40.71 38.78 24.49
C ASP E 7 41.60 38.70 25.71
N LYS E 8 42.51 39.67 25.83
CA LYS E 8 43.42 39.71 26.97
C LYS E 8 44.44 38.58 26.88
N LYS E 9 44.53 37.97 25.69
CA LYS E 9 45.47 36.89 25.47
C LYS E 9 46.50 37.34 24.45
N ASN E 10 47.77 37.24 24.84
CA ASN E 10 48.89 37.44 23.94
C ASN E 10 48.59 36.87 22.57
N CYS E 11 49.19 37.48 21.55
CA CYS E 11 49.36 36.81 20.26
C CYS E 11 49.44 37.85 19.15
N CYS E 12 49.34 37.38 17.90
CA CYS E 12 49.63 38.21 16.74
C CYS E 12 48.84 37.71 15.53
N VAL E 13 48.49 38.65 14.65
CA VAL E 13 47.77 38.35 13.41
C VAL E 13 48.51 39.02 12.25
N PHE E 14 48.09 38.68 11.03
CA PHE E 14 48.75 39.16 9.82
C PHE E 14 47.73 39.62 8.79
N ARG E 15 48.16 40.52 7.92
CA ARG E 15 47.38 40.99 6.77
C ARG E 15 48.31 40.95 5.56
N ASP E 16 48.22 39.88 4.78
CA ASP E 16 49.15 39.64 3.70
C ASP E 16 48.56 40.07 2.36
N ASP E 17 49.45 40.51 1.46
CA ASP E 17 49.03 40.84 0.10
C ASP E 17 48.71 39.58 -0.69
N PHE E 18 49.35 38.45 -0.35
CA PHE E 18 49.05 37.19 -1.02
C PHE E 18 47.64 36.73 -0.71
N ILE E 19 47.08 37.13 0.43
CA ILE E 19 45.67 36.88 0.72
C ILE E 19 44.79 37.52 -0.35
N VAL E 20 45.04 38.80 -0.64
CA VAL E 20 44.28 39.52 -1.65
C VAL E 20 44.52 38.94 -3.03
N LYS E 21 45.74 38.48 -3.30
CA LYS E 21 46.05 37.96 -4.63
C LYS E 21 45.51 36.56 -4.88
N VAL E 22 45.35 35.73 -3.85
CA VAL E 22 45.01 34.32 -4.03
C VAL E 22 43.57 34.00 -3.60
N LEU E 23 43.17 34.47 -2.41
CA LEU E 23 41.89 34.03 -1.84
C LEU E 23 40.64 34.43 -2.65
N PRO E 24 40.48 35.66 -3.14
CA PRO E 24 39.21 36.01 -3.84
C PRO E 24 38.95 35.22 -5.11
N PRO E 25 39.93 34.94 -6.00
CA PRO E 25 39.56 34.12 -7.17
C PRO E 25 39.23 32.67 -6.84
N VAL E 26 39.96 32.05 -5.93
CA VAL E 26 39.66 30.68 -5.51
C VAL E 26 38.29 30.61 -4.85
N LEU E 27 37.99 31.56 -3.97
CA LEU E 27 36.68 31.57 -3.33
C LEU E 27 35.58 31.94 -4.31
N GLY E 28 35.88 32.74 -5.33
CA GLY E 28 34.88 33.02 -6.36
C GLY E 28 34.53 31.79 -7.18
N LEU E 29 35.54 31.03 -7.59
CA LEU E 29 35.28 29.78 -8.29
C LEU E 29 34.52 28.80 -7.40
N GLU E 30 34.94 28.68 -6.14
CA GLU E 30 34.28 27.77 -5.22
C GLU E 30 32.83 28.17 -4.97
N PHE E 31 32.58 29.48 -4.80
CA PHE E 31 31.23 29.97 -4.58
C PHE E 31 30.36 29.75 -5.82
N ILE E 32 30.89 30.00 -7.01
CA ILE E 32 30.09 29.88 -8.22
C ILE E 32 29.70 28.43 -8.48
N PHE E 33 30.69 27.53 -8.55
CA PHE E 33 30.32 26.14 -8.84
C PHE E 33 29.63 25.45 -7.66
N GLY E 34 29.96 25.82 -6.42
CA GLY E 34 29.22 25.27 -5.30
C GLY E 34 27.78 25.74 -5.27
N LEU E 35 27.55 27.01 -5.59
CA LEU E 35 26.19 27.54 -5.65
C LEU E 35 25.39 26.86 -6.74
N LEU E 36 25.97 26.71 -7.94
CA LEU E 36 25.26 26.06 -9.03
C LEU E 36 24.96 24.59 -8.71
N GLY E 37 25.97 23.85 -8.23
CA GLY E 37 25.77 22.44 -7.94
C GLY E 37 24.80 22.21 -6.79
N ASN E 38 24.93 22.98 -5.70
CA ASN E 38 24.07 22.79 -4.55
C ASN E 38 22.65 23.26 -4.81
N GLY E 39 22.48 24.35 -5.57
CA GLY E 39 21.15 24.77 -5.94
C GLY E 39 20.45 23.79 -6.86
N LEU E 40 21.17 23.27 -7.86
CA LEU E 40 20.59 22.25 -8.73
C LEU E 40 20.25 20.98 -7.95
N ALA E 41 21.13 20.56 -7.05
CA ALA E 41 20.88 19.37 -6.26
C ALA E 41 19.69 19.56 -5.32
N LEU E 42 19.60 20.73 -4.67
CA LEU E 42 18.47 21.00 -3.78
C LEU E 42 17.16 21.07 -4.55
N TRP E 43 17.20 21.63 -5.76
CA TRP E 43 16.03 21.64 -6.63
C TRP E 43 15.59 20.22 -6.99
N ILE E 44 16.55 19.36 -7.33
CA ILE E 44 16.22 17.98 -7.71
C ILE E 44 15.67 17.21 -6.52
N PHE E 45 16.29 17.35 -5.34
CA PHE E 45 15.76 16.72 -4.14
C PHE E 45 14.36 17.22 -3.80
N CYS E 46 14.12 18.52 -3.91
CA CYS E 46 12.83 19.07 -3.51
C CYS E 46 11.71 18.73 -4.49
N PHE E 47 12.01 18.67 -5.80
CA PHE E 47 10.92 18.52 -6.76
C PHE E 47 11.03 17.27 -7.63
N HIS E 48 12.21 17.03 -8.18
CA HIS E 48 12.44 15.89 -9.06
C HIS E 48 12.29 14.51 -8.42
N LEU E 49 12.74 14.35 -7.19
CA LEU E 49 12.61 13.06 -6.54
C LEU E 49 11.22 13.00 -5.94
N LYS E 50 10.37 12.14 -6.49
CA LYS E 50 9.00 12.00 -6.04
C LYS E 50 8.93 11.53 -4.58
N SER E 51 9.78 10.57 -4.23
CA SER E 51 9.84 10.06 -2.88
C SER E 51 11.29 9.76 -2.55
N TRP E 52 11.64 9.92 -1.28
CA TRP E 52 13.00 9.61 -0.88
C TRP E 52 13.02 8.80 0.41
N LYS E 53 13.98 7.90 0.51
CA LYS E 53 14.16 7.07 1.68
C LYS E 53 15.06 7.74 2.70
N SER E 54 15.42 7.01 3.74
CA SER E 54 16.27 7.54 4.79
C SER E 54 17.64 8.00 4.28
N SER E 55 18.21 7.26 3.33
CA SER E 55 19.51 7.62 2.78
C SER E 55 19.51 8.98 2.10
N ARG E 56 18.44 9.27 1.37
CA ARG E 56 18.30 10.54 0.67
C ARG E 56 18.20 11.72 1.65
N ILE E 57 17.53 11.50 2.77
CA ILE E 57 17.38 12.55 3.78
C ILE E 57 18.75 13.00 4.30
N PHE E 58 19.65 12.05 4.55
CA PHE E 58 21.00 12.41 4.97
C PHE E 58 21.74 13.16 3.86
N LEU E 59 21.55 12.75 2.61
CA LEU E 59 22.16 13.45 1.49
C LEU E 59 21.57 14.85 1.33
N PHE E 60 20.27 15.00 1.58
CA PHE E 60 19.63 16.32 1.56
C PHE E 60 20.20 17.23 2.64
N ASN E 61 20.41 16.69 3.85
CA ASN E 61 21.00 17.50 4.91
C ASN E 61 22.44 17.88 4.60
N LEU E 62 23.18 16.98 3.95
CA LEU E 62 24.52 17.31 3.49
C LEU E 62 24.49 18.42 2.44
N ALA E 63 23.52 18.37 1.53
CA ALA E 63 23.36 19.42 0.51
C ALA E 63 22.99 20.75 1.16
N VAL E 64 22.14 20.71 2.18
CA VAL E 64 21.77 21.93 2.90
C VAL E 64 22.98 22.54 3.60
N ALA E 65 23.80 21.71 4.23
CA ALA E 65 25.02 22.20 4.90
C ALA E 65 26.00 22.79 3.90
N ASP E 66 26.19 22.11 2.76
CA ASP E 66 27.09 22.62 1.73
C ASP E 66 26.58 23.93 1.15
N PHE E 67 25.27 24.03 0.91
CA PHE E 67 24.69 25.26 0.37
C PHE E 67 24.82 26.41 1.35
N LEU E 68 24.58 26.17 2.64
CA LEU E 68 24.69 27.24 3.62
C LEU E 68 26.15 27.62 3.87
N LEU E 69 27.10 26.70 3.64
CA LEU E 69 28.50 27.10 3.66
C LEU E 69 28.87 27.91 2.43
N ILE E 70 28.26 27.59 1.28
CA ILE E 70 28.58 28.30 0.04
C ILE E 70 28.05 29.73 0.09
N ILE E 71 26.84 29.93 0.61
CA ILE E 71 26.21 31.25 0.55
C ILE E 71 26.88 32.30 1.43
N CYS E 72 27.72 31.89 2.38
CA CYS E 72 28.44 32.85 3.22
C CYS E 72 29.86 33.09 2.75
N LEU E 73 30.23 32.57 1.58
CA LEU E 73 31.51 32.83 0.94
C LEU E 73 31.65 34.23 0.30
N PRO E 74 30.60 34.84 -0.30
CA PRO E 74 30.76 36.23 -0.78
C PRO E 74 31.18 37.22 0.29
N PHE E 75 30.70 37.05 1.52
CA PHE E 75 31.19 37.89 2.61
C PHE E 75 32.64 37.58 2.95
N LEU E 76 33.07 36.32 2.76
CA LEU E 76 34.49 36.00 2.93
C LEU E 76 35.35 36.69 1.88
N MET E 77 34.92 36.73 0.61
CA MET E 77 35.66 37.53 -0.35
C MET E 77 35.59 39.02 -0.04
N ASP E 78 34.45 39.51 0.46
CA ASP E 78 34.36 40.91 0.85
C ASP E 78 35.34 41.25 1.97
N ASN E 79 35.62 40.28 2.84
CA ASN E 79 36.68 40.42 3.83
C ASN E 79 38.07 40.32 3.20
N TYR E 80 38.23 39.45 2.20
CA TYR E 80 39.55 39.11 1.67
C TYR E 80 40.11 40.12 0.67
N VAL E 81 39.26 40.77 -0.11
CA VAL E 81 39.75 41.71 -1.13
C VAL E 81 40.45 42.90 -0.47
N ARG E 82 39.88 43.43 0.60
CA ARG E 82 40.45 44.59 1.27
C ARG E 82 41.38 44.21 2.42
N ARG E 83 42.01 43.03 2.35
CA ARG E 83 43.13 42.63 3.19
C ARG E 83 42.76 42.62 4.68
N TRP E 84 41.85 41.71 5.00
CA TRP E 84 41.39 41.44 6.38
C TRP E 84 40.76 42.68 7.00
N ASP E 85 39.95 43.39 6.21
CA ASP E 85 39.19 44.53 6.69
C ASP E 85 37.71 44.19 6.57
N TRP E 86 36.97 44.38 7.65
CA TRP E 86 35.56 43.99 7.74
C TRP E 86 34.71 45.25 7.75
N LYS E 87 33.78 45.35 6.81
CA LYS E 87 32.91 46.51 6.66
C LYS E 87 31.45 46.13 6.80
N PHE E 88 31.14 45.30 7.79
CA PHE E 88 29.75 44.90 8.01
C PHE E 88 29.29 45.11 9.45
N GLY E 89 30.15 44.90 10.44
CA GLY E 89 29.82 45.16 11.81
C GLY E 89 30.17 43.99 12.70
N ASP E 90 29.42 43.86 13.79
CA ASP E 90 29.67 42.82 14.80
C ASP E 90 28.77 41.60 14.61
N ILE E 91 27.45 41.81 14.55
CA ILE E 91 26.52 40.71 14.36
C ILE E 91 26.69 40.01 13.02
N PRO E 92 26.85 40.71 11.88
CA PRO E 92 27.17 39.97 10.64
C PRO E 92 28.49 39.21 10.67
N CYS E 93 29.51 39.73 11.36
CA CYS E 93 30.77 38.99 11.48
C CYS E 93 30.59 37.71 12.31
N ARG E 94 29.87 37.83 13.42
CA ARG E 94 29.58 36.66 14.24
C ARG E 94 28.74 35.64 13.48
N LEU E 95 27.76 36.10 12.71
CA LEU E 95 26.94 35.20 11.90
C LEU E 95 27.76 34.53 10.82
N MET E 96 28.67 35.25 10.17
CA MET E 96 29.50 34.63 9.14
C MET E 96 30.42 33.57 9.73
N LEU E 97 31.10 33.89 10.84
CA LEU E 97 32.01 32.92 11.44
C LEU E 97 31.26 31.70 11.97
N PHE E 98 30.12 31.92 12.62
CA PHE E 98 29.30 30.82 13.11
C PHE E 98 28.78 29.97 11.96
N MET E 99 28.33 30.60 10.86
CA MET E 99 27.81 29.84 9.73
C MET E 99 28.91 29.05 9.04
N LEU E 100 30.10 29.63 8.91
CA LEU E 100 31.22 28.91 8.31
C LEU E 100 31.59 27.68 9.12
N ALA E 101 31.82 27.86 10.43
CA ALA E 101 32.21 26.74 11.26
C ALA E 101 31.09 25.71 11.38
N MET E 102 29.85 26.18 11.55
CA MET E 102 28.68 25.32 11.65
C MET E 102 28.49 24.48 10.40
N ASN E 103 28.51 25.10 9.23
CA ASN E 103 28.19 24.34 8.03
C ASN E 103 29.37 23.51 7.55
N ARG E 104 30.61 23.89 7.86
CA ARG E 104 31.73 22.98 7.62
C ARG E 104 31.62 21.75 8.49
N GLN E 105 31.36 21.94 9.79
CA GLN E 105 31.20 20.81 10.71
C GLN E 105 29.99 19.97 10.35
N GLY E 106 28.89 20.60 9.93
CA GLY E 106 27.71 19.84 9.58
C GLY E 106 27.86 19.09 8.27
N SER E 107 28.58 19.69 7.31
CA SER E 107 28.94 18.97 6.10
C SER E 107 29.78 17.74 6.42
N ILE E 108 30.76 17.89 7.30
CA ILE E 108 31.59 16.75 7.73
C ILE E 108 30.74 15.70 8.44
N ILE E 109 29.83 16.15 9.31
CA ILE E 109 28.97 15.25 10.08
C ILE E 109 28.09 14.43 9.16
N PHE E 110 27.52 15.07 8.13
CA PHE E 110 26.64 14.31 7.24
C PHE E 110 27.41 13.51 6.20
N LEU E 111 28.66 13.88 5.87
CA LEU E 111 29.53 12.96 5.14
C LEU E 111 29.77 11.70 5.95
N THR E 112 30.04 11.85 7.24
CA THR E 112 30.28 10.71 8.11
C THR E 112 29.01 9.87 8.26
N VAL E 113 27.86 10.53 8.34
CA VAL E 113 26.59 9.82 8.47
C VAL E 113 26.29 9.03 7.20
N VAL E 114 26.57 9.61 6.03
CA VAL E 114 26.40 8.89 4.77
C VAL E 114 27.37 7.71 4.69
N ALA E 115 28.60 7.89 5.17
CA ALA E 115 29.58 6.80 5.15
C ALA E 115 29.16 5.65 6.06
N VAL E 116 28.68 5.96 7.27
CA VAL E 116 28.20 4.93 8.19
C VAL E 116 26.93 4.28 7.65
N ASP E 117 26.08 5.08 6.98
CA ASP E 117 24.89 4.54 6.35
C ASP E 117 25.23 3.51 5.29
N ARG E 118 26.15 3.85 4.38
CA ARG E 118 26.60 2.90 3.36
C ARG E 118 27.31 1.69 3.96
N TYR E 119 28.04 1.91 5.07
CA TYR E 119 28.67 0.81 5.78
C TYR E 119 27.64 -0.18 6.29
N PHE E 120 26.53 0.31 6.83
CA PHE E 120 25.48 -0.59 7.28
C PHE E 120 24.69 -1.17 6.10
N ARG E 121 24.65 -0.46 4.98
CA ARG E 121 24.01 -1.03 3.79
C ARG E 121 24.78 -2.24 3.26
N VAL E 122 26.11 -2.18 3.31
CA VAL E 122 26.93 -3.24 2.71
C VAL E 122 27.30 -4.29 3.74
N VAL E 123 27.93 -3.87 4.84
CA VAL E 123 28.57 -4.83 5.74
C VAL E 123 27.54 -5.60 6.57
N HIS E 124 26.46 -4.93 7.00
CA HIS E 124 25.40 -5.56 7.78
C HIS E 124 24.08 -5.43 7.02
N PRO E 125 23.88 -6.25 5.97
CA PRO E 125 22.75 -6.02 5.05
C PRO E 125 21.39 -6.17 5.69
N HIS E 126 21.26 -7.03 6.70
CA HIS E 126 19.98 -7.34 7.32
C HIS E 126 19.77 -6.58 8.61
N HIS E 127 20.58 -5.57 8.88
CA HIS E 127 20.43 -4.77 10.09
C HIS E 127 19.14 -3.96 10.05
N ALA E 128 18.60 -3.69 11.24
CA ALA E 128 17.39 -2.88 11.34
C ALA E 128 17.64 -1.41 11.01
N LEU E 129 18.90 -0.97 11.06
CA LEU E 129 19.23 0.41 10.74
C LEU E 129 19.07 0.71 9.26
N ASN E 130 19.15 -0.31 8.40
CA ASN E 130 18.93 -0.13 6.97
C ASN E 130 17.45 0.01 6.62
N LYS E 131 16.55 -0.25 7.56
CA LYS E 131 15.11 -0.20 7.32
C LYS E 131 14.43 0.88 8.16
N ILE E 132 15.19 1.88 8.63
CA ILE E 132 14.59 2.94 9.43
C ILE E 132 13.70 3.81 8.54
N SER E 133 12.69 4.43 9.15
CA SER E 133 11.74 5.22 8.41
C SER E 133 12.30 6.61 8.14
N ASN E 134 11.54 7.38 7.35
CA ASN E 134 11.90 8.77 7.09
C ASN E 134 11.81 9.62 8.35
N ARG E 135 10.89 9.28 9.25
CA ARG E 135 10.79 10.00 10.51
C ARG E 135 12.02 9.77 11.38
N THR E 136 12.53 8.54 11.42
CA THR E 136 13.73 8.25 12.20
C THR E 136 14.92 9.04 11.68
N ALA E 137 15.06 9.13 10.36
CA ALA E 137 16.09 9.98 9.76
C ALA E 137 15.84 11.45 10.07
N ALA E 138 14.58 11.87 10.21
CA ALA E 138 14.29 13.26 10.52
C ALA E 138 14.77 13.63 11.92
N ILE E 139 14.41 12.83 12.93
CA ILE E 139 14.94 13.07 14.29
C ILE E 139 16.46 12.91 14.33
N ILE E 140 17.02 11.95 13.59
CA ILE E 140 18.49 11.79 13.59
C ILE E 140 19.17 13.02 13.00
N SER E 141 18.66 13.54 11.88
CA SER E 141 19.23 14.73 11.26
C SER E 141 19.04 15.97 12.15
N CYS E 142 17.89 16.08 12.81
CA CYS E 142 17.65 17.21 13.70
C CYS E 142 18.61 17.21 14.88
N LEU E 143 18.86 16.04 15.49
CA LEU E 143 19.82 16.00 16.59
C LEU E 143 21.25 16.18 16.10
N LEU E 144 21.58 15.77 14.88
CA LEU E 144 22.91 16.05 14.35
C LEU E 144 23.11 17.56 14.13
N TRP E 145 22.08 18.22 13.58
CA TRP E 145 22.12 19.67 13.46
C TRP E 145 22.21 20.33 14.82
N GLY E 146 21.52 19.77 15.81
CA GLY E 146 21.59 20.32 17.16
C GLY E 146 22.96 20.17 17.80
N ILE E 147 23.63 19.04 17.56
CA ILE E 147 25.01 18.86 18.02
C ILE E 147 25.91 19.89 17.35
N THR E 148 25.70 20.13 16.06
CA THR E 148 26.51 21.13 15.35
C THR E 148 26.29 22.53 15.91
N ILE E 149 25.03 22.90 16.15
CA ILE E 149 24.70 24.19 16.76
C ILE E 149 25.31 24.31 18.15
N GLY E 150 25.18 23.26 18.97
CA GLY E 150 25.71 23.33 20.32
C GLY E 150 27.22 23.43 20.37
N LEU E 151 27.91 22.79 19.43
CA LEU E 151 29.36 22.92 19.37
C LEU E 151 29.81 24.22 18.73
N THR E 152 28.94 24.90 17.98
CA THR E 152 29.40 26.05 17.21
C THR E 152 28.99 27.40 17.80
N VAL E 153 27.89 27.49 18.57
CA VAL E 153 27.38 28.78 19.02
C VAL E 153 28.28 29.51 20.03
N HIS E 154 29.39 28.88 20.43
CA HIS E 154 30.38 29.58 21.24
C HIS E 154 31.02 30.75 20.49
N LEU E 155 30.96 30.75 19.16
CA LEU E 155 31.45 31.86 18.36
C LEU E 155 30.51 33.05 18.36
N LEU E 156 29.24 32.85 18.72
CA LEU E 156 28.27 33.94 18.76
C LEU E 156 28.34 34.75 20.05
N LYS E 157 29.07 34.29 21.05
CA LYS E 157 29.32 35.06 22.26
C LYS E 157 30.74 35.60 22.34
N LYS E 158 31.47 35.62 21.23
CA LYS E 158 32.79 36.22 21.15
C LYS E 158 32.67 37.59 20.51
N LYS E 159 33.30 38.60 21.13
CA LYS E 159 33.19 39.96 20.64
C LYS E 159 33.98 40.13 19.35
N MET E 160 33.31 40.67 18.33
CA MET E 160 33.84 40.88 17.00
C MET E 160 33.48 42.29 16.55
N PRO E 161 34.26 42.89 15.65
CA PRO E 161 35.58 42.49 15.11
C PRO E 161 36.72 42.82 16.07
N ILE E 162 37.94 42.51 15.65
CA ILE E 162 39.10 42.68 16.53
C ILE E 162 39.70 44.08 16.35
N GLN E 163 39.50 44.68 15.17
CA GLN E 163 39.94 46.01 14.74
C GLN E 163 41.39 46.32 15.09
N ASN E 164 42.33 45.56 14.52
CA ASN E 164 43.75 45.80 14.73
C ASN E 164 44.23 46.95 13.86
N GLY E 165 44.61 48.06 14.49
CA GLY E 165 45.16 49.20 13.77
C GLY E 165 44.20 49.86 12.81
N GLY E 166 42.92 49.95 13.16
CA GLY E 166 41.93 50.58 12.31
C GLY E 166 41.35 49.69 11.24
N ALA E 167 41.78 48.44 11.13
CA ALA E 167 41.24 47.49 10.17
C ALA E 167 40.49 46.41 10.93
N ASN E 168 39.18 46.32 10.69
CA ASN E 168 38.35 45.37 11.42
C ASN E 168 38.66 43.94 10.98
N LEU E 169 38.93 43.08 11.95
CA LEU E 169 39.36 41.71 11.68
C LEU E 169 38.23 40.76 12.04
N CYS E 170 37.72 40.04 11.05
CA CYS E 170 36.67 39.05 11.23
C CYS E 170 37.26 37.68 10.94
N SER E 171 37.86 37.07 11.97
CA SER E 171 38.46 35.75 11.81
C SER E 171 38.30 34.96 13.10
N SER E 172 37.76 33.75 12.99
CA SER E 172 37.67 32.86 14.13
C SER E 172 38.92 32.01 14.34
N PHE E 173 39.86 32.09 13.40
CA PHE E 173 41.11 31.31 13.45
C PHE E 173 42.25 32.29 13.62
N SER E 174 42.56 32.61 14.87
CA SER E 174 43.69 33.49 15.20
C SER E 174 44.75 32.67 15.90
N ILE E 175 46.00 32.84 15.47
CA ILE E 175 47.13 32.11 16.05
C ILE E 175 47.41 32.70 17.43
N CYS E 176 46.95 32.02 18.48
CA CYS E 176 47.14 32.51 19.83
C CYS E 176 47.54 31.38 20.78
N HIS E 177 48.36 31.74 21.75
CA HIS E 177 48.89 30.80 22.73
C HIS E 177 47.86 30.09 23.61
N THR E 178 46.84 30.83 24.03
CA THR E 178 45.81 30.28 24.91
C THR E 178 45.00 29.14 24.28
N PHE E 179 44.62 28.16 25.12
CA PHE E 179 43.84 27.02 24.68
C PHE E 179 42.47 27.48 24.20
N GLN E 180 41.94 26.80 23.20
CA GLN E 180 40.69 27.23 22.59
C GLN E 180 39.88 25.99 22.21
N TRP E 181 38.57 26.05 22.41
CA TRP E 181 37.71 24.95 21.98
C TRP E 181 37.60 24.92 20.46
N HIS E 182 37.72 26.08 19.81
CA HIS E 182 37.56 26.14 18.36
C HIS E 182 38.66 25.37 17.63
N GLU E 183 39.91 25.50 18.08
CA GLU E 183 41.00 24.76 17.46
C GLU E 183 40.88 23.25 17.72
N ALA E 184 40.47 22.89 18.94
CA ALA E 184 40.26 21.48 19.26
C ALA E 184 39.14 20.89 18.42
N MET E 185 38.08 21.66 18.19
CA MET E 185 37.01 21.23 17.29
C MET E 185 37.52 21.11 15.86
N PHE E 186 38.39 22.03 15.43
CA PHE E 186 38.93 21.99 14.08
C PHE E 186 39.74 20.71 13.84
N LEU E 187 40.56 20.32 14.81
CA LEU E 187 41.28 19.06 14.67
C LEU E 187 40.38 17.84 14.86
N LEU E 188 39.40 17.91 15.77
CA LEU E 188 38.56 16.77 16.06
C LEU E 188 37.65 16.44 14.89
N GLU E 189 37.04 17.47 14.28
CA GLU E 189 36.13 17.36 13.15
C GLU E 189 36.82 16.88 11.88
N PHE E 190 38.15 16.82 11.87
CA PHE E 190 38.84 16.05 10.86
C PHE E 190 39.16 14.66 11.37
N PHE E 191 39.90 14.57 12.48
CA PHE E 191 40.59 13.33 12.84
C PHE E 191 39.64 12.21 13.22
N LEU E 192 38.57 12.51 13.96
CA LEU E 192 37.74 11.38 14.36
C LEU E 192 36.81 10.92 13.23
N PRO E 193 36.12 11.81 12.50
CA PRO E 193 35.45 11.34 11.29
C PRO E 193 36.38 10.86 10.19
N LEU E 194 37.66 11.24 10.19
CA LEU E 194 38.61 10.58 9.28
C LEU E 194 38.72 9.10 9.60
N GLY E 195 38.86 8.77 10.88
CA GLY E 195 38.92 7.37 11.28
C GLY E 195 37.63 6.63 10.96
N ILE E 196 36.49 7.26 11.23
CA ILE E 196 35.20 6.64 10.96
C ILE E 196 35.02 6.41 9.46
N ILE E 197 35.32 7.42 8.64
CA ILE E 197 35.15 7.35 7.20
C ILE E 197 36.09 6.31 6.59
N LEU E 198 37.35 6.31 7.02
CA LEU E 198 38.31 5.35 6.49
C LEU E 198 37.97 3.92 6.89
N PHE E 199 37.55 3.71 8.15
CA PHE E 199 37.15 2.38 8.59
C PHE E 199 35.93 1.89 7.81
N CYS E 200 34.91 2.74 7.69
CA CYS E 200 33.70 2.35 6.98
C CYS E 200 33.97 2.08 5.51
N SER E 201 34.77 2.93 4.87
CA SER E 201 35.08 2.75 3.45
C SER E 201 35.91 1.49 3.22
N ALA E 202 36.91 1.24 4.06
CA ALA E 202 37.73 0.05 3.91
C ALA E 202 36.92 -1.21 4.14
N ARG E 203 36.01 -1.19 5.13
CA ARG E 203 35.14 -2.32 5.36
C ARG E 203 34.18 -2.56 4.20
N ILE E 204 33.66 -1.49 3.59
CA ILE E 204 32.77 -1.64 2.45
C ILE E 204 33.53 -2.26 1.28
N ILE E 205 34.73 -1.77 0.99
CA ILE E 205 35.51 -2.28 -0.14
C ILE E 205 35.87 -3.75 0.08
N TRP E 206 36.34 -4.07 1.30
CA TRP E 206 36.75 -5.44 1.60
C TRP E 206 35.56 -6.39 1.60
N SER E 207 34.40 -5.94 2.08
CA SER E 207 33.22 -6.79 2.09
C SER E 207 32.68 -6.99 0.68
N LEU E 208 32.75 -5.96 -0.17
CA LEU E 208 32.26 -6.10 -1.54
C LEU E 208 33.16 -7.02 -2.36
N ARG E 209 34.47 -6.93 -2.18
CA ARG E 209 35.34 -7.83 -2.94
C ARG E 209 35.52 -9.19 -2.28
N GLN E 210 35.12 -9.34 -1.01
CA GLN E 210 35.18 -10.64 -0.36
C GLN E 210 34.02 -11.53 -0.79
N ARG E 211 32.90 -10.94 -1.17
CA ARG E 211 31.73 -11.67 -1.65
C ARG E 211 31.77 -11.91 -3.15
N GLN E 212 32.87 -11.52 -3.81
CA GLN E 212 32.99 -11.50 -5.27
C GLN E 212 31.90 -10.66 -5.92
N MET E 213 31.46 -9.61 -5.21
CA MET E 213 30.42 -8.73 -5.71
C MET E 213 30.96 -7.69 -6.68
N ASP E 214 32.27 -7.46 -6.68
CA ASP E 214 32.89 -6.44 -7.51
C ASP E 214 32.96 -6.81 -8.98
N ARG E 215 32.57 -8.03 -9.37
CA ARG E 215 32.53 -8.38 -10.78
C ARG E 215 31.44 -7.63 -11.53
N HIS E 216 30.42 -7.13 -10.83
CA HIS E 216 29.43 -6.25 -11.43
C HIS E 216 30.03 -4.88 -11.70
N ALA E 217 29.59 -4.26 -12.79
CA ALA E 217 30.11 -2.95 -13.16
C ALA E 217 29.59 -1.85 -12.24
N LYS E 218 28.35 -1.97 -11.78
CA LYS E 218 27.79 -0.98 -10.86
C LYS E 218 28.48 -1.06 -9.50
N ILE E 219 28.87 -2.26 -9.08
CA ILE E 219 29.64 -2.40 -7.84
C ILE E 219 31.03 -1.81 -8.00
N LYS E 220 31.63 -1.93 -9.20
CA LYS E 220 32.89 -1.24 -9.47
C LYS E 220 32.73 0.27 -9.39
N ARG E 221 31.62 0.80 -9.92
CA ARG E 221 31.36 2.23 -9.85
C ARG E 221 31.16 2.68 -8.40
N ALA E 222 30.44 1.89 -7.60
CA ALA E 222 30.23 2.21 -6.20
C ALA E 222 31.54 2.18 -5.42
N ILE E 223 32.38 1.17 -5.68
CA ILE E 223 33.69 1.08 -5.05
C ILE E 223 34.56 2.28 -5.42
N THR E 224 34.54 2.66 -6.70
CA THR E 224 35.31 3.79 -7.18
C THR E 224 34.86 5.08 -6.51
N PHE E 225 33.54 5.29 -6.40
CA PHE E 225 33.06 6.55 -5.84
C PHE E 225 33.19 6.60 -4.32
N ILE E 226 33.18 5.44 -3.65
CA ILE E 226 33.50 5.43 -2.23
C ILE E 226 34.96 5.81 -2.01
N MET E 227 35.85 5.29 -2.85
CA MET E 227 37.25 5.73 -2.83
C MET E 227 37.37 7.22 -3.12
N VAL E 228 36.58 7.71 -4.09
CA VAL E 228 36.62 9.12 -4.47
C VAL E 228 36.20 10.02 -3.32
N VAL E 229 35.11 9.66 -2.63
CA VAL E 229 34.66 10.53 -1.54
C VAL E 229 35.63 10.46 -0.36
N ALA E 230 36.27 9.30 -0.11
CA ALA E 230 37.28 9.24 0.94
C ALA E 230 38.49 10.10 0.61
N ILE E 231 39.00 10.03 -0.63
CA ILE E 231 40.15 10.83 -1.02
C ILE E 231 39.79 12.32 -1.04
N VAL E 232 38.55 12.66 -1.43
CA VAL E 232 38.12 14.05 -1.43
C VAL E 232 38.09 14.60 -0.02
N PHE E 233 37.55 13.83 0.94
CA PHE E 233 37.56 14.24 2.34
C PHE E 233 38.99 14.45 2.84
N VAL E 234 39.89 13.51 2.51
CA VAL E 234 41.27 13.59 2.98
C VAL E 234 41.97 14.82 2.40
N ILE E 235 41.92 14.99 1.07
CA ILE E 235 42.65 16.10 0.45
C ILE E 235 41.98 17.45 0.66
N CYS E 236 40.74 17.47 1.16
CA CYS E 236 40.10 18.74 1.47
C CYS E 236 40.25 19.17 2.92
N PHE E 237 40.33 18.22 3.86
CA PHE E 237 40.40 18.61 5.27
C PHE E 237 41.74 18.30 5.94
N LEU E 238 42.59 17.47 5.34
CA LEU E 238 43.91 17.23 5.91
C LEU E 238 44.83 18.44 5.91
N PRO E 239 45.04 19.19 4.80
CA PRO E 239 46.14 20.18 4.82
C PRO E 239 45.98 21.32 5.80
N SER E 240 44.76 21.82 6.00
CA SER E 240 44.53 22.87 6.99
C SER E 240 44.82 22.36 8.39
N VAL E 241 44.47 21.10 8.66
CA VAL E 241 44.76 20.49 9.96
C VAL E 241 46.26 20.32 10.15
N VAL E 242 46.98 19.95 9.08
CA VAL E 242 48.44 19.83 9.15
C VAL E 242 49.08 21.17 9.45
N VAL E 243 48.62 22.23 8.78
CA VAL E 243 49.19 23.55 9.02
C VAL E 243 48.84 24.05 10.43
N ARG E 244 47.64 23.75 10.91
CA ARG E 244 47.27 24.12 12.27
C ARG E 244 48.10 23.36 13.31
N ILE E 245 48.43 22.09 13.01
CA ILE E 245 49.31 21.33 13.90
C ILE E 245 50.71 21.90 13.89
N ARG E 246 51.18 22.36 12.73
CA ARG E 246 52.47 23.05 12.66
C ARG E 246 52.44 24.35 13.46
N ILE E 247 51.32 25.07 13.39
CA ILE E 247 51.19 26.31 14.13
C ILE E 247 51.27 25.98 15.62
N PHE E 248 50.65 24.87 16.01
CA PHE E 248 50.68 24.43 17.40
C PHE E 248 52.11 24.10 17.81
N TRP E 249 52.85 23.46 16.92
CA TRP E 249 54.24 23.12 17.20
C TRP E 249 55.07 24.38 17.40
N LEU E 250 54.84 25.37 16.55
CA LEU E 250 55.57 26.64 16.65
C LEU E 250 55.20 27.39 17.93
N LEU E 251 53.93 27.32 18.33
CA LEU E 251 53.50 27.98 19.56
C LEU E 251 54.11 27.32 20.79
N HIS E 252 54.20 25.99 20.78
CA HIS E 252 54.83 25.29 21.89
C HIS E 252 56.35 25.49 21.89
N THR E 253 56.95 25.67 20.72
CA THR E 253 58.40 25.83 20.61
C THR E 253 58.82 27.29 20.74
N SER E 254 58.32 28.14 19.85
CA SER E 254 58.74 29.53 19.80
C SER E 254 57.89 30.45 20.66
N GLY E 255 56.60 30.17 20.80
CA GLY E 255 55.71 31.03 21.54
C GLY E 255 55.32 32.25 20.72
N THR E 256 54.59 33.16 21.39
CA THR E 256 54.14 34.38 20.74
C THR E 256 55.14 35.53 20.93
N GLN E 257 56.40 35.24 20.61
CA GLN E 257 57.46 36.24 20.60
C GLN E 257 58.21 36.12 19.28
N ASN E 258 58.55 37.28 18.70
CA ASN E 258 59.14 37.39 17.37
C ASN E 258 58.27 36.69 16.33
N CYS E 259 57.08 37.26 16.14
CA CYS E 259 56.01 36.70 15.31
C CYS E 259 56.32 36.73 13.81
N GLU E 260 57.52 37.08 13.34
CA GLU E 260 57.81 37.04 11.91
C GLU E 260 57.87 35.63 11.35
N VAL E 261 57.90 34.61 12.20
CA VAL E 261 57.94 33.23 11.73
C VAL E 261 56.55 32.67 11.46
N TYR E 262 55.50 33.27 12.01
CA TYR E 262 54.14 32.75 11.87
C TYR E 262 53.46 33.19 10.58
N ARG E 263 54.09 34.08 9.81
CA ARG E 263 53.44 34.61 8.61
C ARG E 263 53.20 33.53 7.57
N SER E 264 54.19 32.69 7.32
CA SER E 264 54.07 31.64 6.31
C SER E 264 53.02 30.61 6.69
N VAL E 265 52.99 30.19 7.96
CA VAL E 265 52.00 29.20 8.36
C VAL E 265 50.61 29.80 8.41
N ASP E 266 50.48 31.09 8.74
CA ASP E 266 49.16 31.73 8.68
C ASP E 266 48.63 31.78 7.25
N LEU E 267 49.48 32.23 6.31
CA LEU E 267 49.09 32.30 4.91
C LEU E 267 48.73 30.92 4.37
N ALA E 268 49.59 29.93 4.64
CA ALA E 268 49.34 28.57 4.17
C ALA E 268 48.10 27.98 4.82
N PHE E 269 47.81 28.35 6.07
CA PHE E 269 46.59 27.88 6.71
C PHE E 269 45.35 28.41 6.01
N PHE E 270 45.39 29.66 5.56
CA PHE E 270 44.20 30.18 4.88
C PHE E 270 44.05 29.61 3.46
N ILE E 271 45.16 29.41 2.75
CA ILE E 271 45.08 28.72 1.46
C ILE E 271 44.53 27.30 1.62
N THR E 272 45.01 26.57 2.63
CA THR E 272 44.54 25.20 2.83
C THR E 272 43.15 25.15 3.46
N LEU E 273 42.70 26.23 4.10
CA LEU E 273 41.34 26.32 4.58
C LEU E 273 40.35 26.58 3.46
N SER E 274 40.80 27.19 2.36
CA SER E 274 39.94 27.28 1.17
C SER E 274 39.51 25.91 0.64
N PHE E 275 40.33 24.88 0.86
CA PHE E 275 39.99 23.55 0.39
C PHE E 275 38.82 22.95 1.15
N THR E 276 38.58 23.40 2.38
CA THR E 276 37.41 22.95 3.14
C THR E 276 36.12 23.44 2.50
N TYR E 277 36.17 24.57 1.78
CA TYR E 277 35.00 25.05 1.05
C TYR E 277 34.95 24.44 -0.34
N MET E 278 36.12 24.13 -0.91
CA MET E 278 36.17 23.37 -2.14
C MET E 278 35.56 21.98 -1.95
N ASN E 279 35.61 21.45 -0.72
CA ASN E 279 34.90 20.21 -0.41
C ASN E 279 33.40 20.36 -0.61
N SER E 280 32.82 21.47 -0.15
CA SER E 280 31.39 21.69 -0.35
C SER E 280 31.07 22.00 -1.80
N MET E 281 32.03 22.56 -2.54
CA MET E 281 31.88 22.66 -3.99
C MET E 281 31.80 21.29 -4.64
N LEU E 282 32.69 20.38 -4.26
CA LEU E 282 32.83 19.08 -4.92
C LEU E 282 31.83 18.04 -4.44
N ASP E 283 31.21 18.26 -3.28
CA ASP E 283 30.29 17.26 -2.72
C ASP E 283 29.07 16.97 -3.60
N PRO E 284 28.40 17.94 -4.26
CA PRO E 284 27.36 17.54 -5.24
C PRO E 284 27.88 16.65 -6.35
N VAL E 285 29.06 16.96 -6.89
CA VAL E 285 29.61 16.21 -8.02
C VAL E 285 29.87 14.76 -7.65
N VAL E 286 30.45 14.53 -6.46
CA VAL E 286 30.82 13.18 -6.05
C VAL E 286 29.74 12.49 -5.23
N TYR E 287 28.61 13.15 -4.97
CA TYR E 287 27.56 12.51 -4.19
C TYR E 287 26.25 12.36 -4.93
N TYR E 288 25.74 13.41 -5.57
CA TYR E 288 24.42 13.34 -6.19
C TYR E 288 24.52 13.17 -7.70
N PHE E 289 25.33 13.97 -8.37
CA PHE E 289 25.45 13.88 -9.82
C PHE E 289 26.20 12.64 -10.28
N SER E 290 26.83 11.90 -9.36
CA SER E 290 27.44 10.63 -9.66
C SER E 290 26.51 9.45 -9.37
N SER E 291 25.31 9.71 -8.86
CA SER E 291 24.36 8.66 -8.48
C SER E 291 23.50 8.29 -9.67
N PRO E 292 23.44 7.01 -10.04
CA PRO E 292 22.55 6.59 -11.15
C PRO E 292 21.07 6.84 -10.86
N SER E 293 20.64 6.72 -9.60
CA SER E 293 19.24 6.92 -9.28
C SER E 293 18.86 8.40 -9.30
N PHE E 294 19.85 9.28 -9.17
CA PHE E 294 19.60 10.71 -9.17
C PHE E 294 19.27 11.19 -10.58
N ASN E 295 18.26 12.04 -10.67
CA ASN E 295 17.81 12.54 -11.98
C ASN E 295 18.67 13.73 -12.40
#